data_6W5H
#
_entry.id   6W5H
#
_cell.length_a   36.943
_cell.length_b   38.028
_cell.length_c   115.241
_cell.angle_alpha   92.310
_cell.angle_beta   98.310
_cell.angle_gamma   96.640
#
_symmetry.space_group_name_H-M   'P 1'
#
loop_
_entity.id
_entity.type
_entity.pdbx_description
1 polymer '3C-LIKE PROTEASE'
2 non-polymer '2-(3-chlorophenyl)-2-methylpropyl [(2S)-3-cyclohexyl-1-({(2S)-1-hydroxy-3-[(3S)-2-oxopyrrolidin-3-yl]propan-2-yl}amino)-1-oxopropan-2-yl]carbamate'
3 water water
#
_entity_poly.entity_id   1
_entity_poly.type   'polypeptide(L)'
_entity_poly.pdbx_seq_one_letter_code
;HHHHHHAPPTLWSRVTKFGSGWGFWVSPTVFITTTHVVPTGVKEFFGEPLSSIAIHQAGEFTQFRFSKKMRPDLTGMVLE
EGCPEGTVCSVLIKRDSGELLPLAVRMGAIASMRIQGRLVHGQSGMLLTGANAKGMDLGTIPGDCGAPYVHKRGNDWVVC
GVHAAATKSGNTVVCAVQAGEGETALE
;
_entity_poly.pdbx_strand_id   A,B,C,D
#
loop_
_chem_comp.id
_chem_comp.type
_chem_comp.name
_chem_comp.formula
TKP non-polymer '2-(3-chlorophenyl)-2-methylpropyl [(2S)-3-cyclohexyl-1-({(2S)-1-hydroxy-3-[(3S)-2-oxopyrrolidin-3-yl]propan-2-yl}amino)-1-oxopropan-2-yl]carbamate' 'C27 H40 Cl N3 O5'
#
# COMPACT_ATOMS: atom_id res chain seq x y z
N HIS A 3 7.77 -9.59 17.46
CA HIS A 3 6.94 -10.83 17.47
C HIS A 3 7.23 -11.70 16.24
N HIS A 4 6.51 -12.82 16.13
CA HIS A 4 6.80 -13.85 15.14
C HIS A 4 6.84 -13.29 13.72
N HIS A 5 6.05 -12.24 13.45
CA HIS A 5 5.89 -11.76 12.07
C HIS A 5 6.84 -10.62 11.70
N HIS A 6 7.62 -10.11 12.65
CA HIS A 6 8.79 -9.30 12.33
C HIS A 6 9.90 -10.23 11.83
N ALA A 7 10.82 -9.67 11.06
CA ALA A 7 11.93 -10.45 10.50
C ALA A 7 12.64 -11.18 11.63
N PRO A 8 12.68 -12.51 11.61
CA PRO A 8 13.34 -13.24 12.70
C PRO A 8 14.85 -13.13 12.58
N PRO A 9 15.58 -13.46 13.66
CA PRO A 9 17.03 -13.34 13.60
C PRO A 9 17.66 -14.12 12.47
N THR A 10 17.15 -15.31 12.16
CA THR A 10 17.73 -16.10 11.06
C THR A 10 17.60 -15.36 9.74
N LEU A 11 16.50 -14.63 9.55
CA LEU A 11 16.30 -13.88 8.33
C LEU A 11 17.33 -12.76 8.22
N TRP A 12 17.57 -12.04 9.33
CA TRP A 12 18.60 -11.02 9.33
C TRP A 12 19.97 -11.62 9.09
N SER A 13 20.20 -12.85 9.55
CA SER A 13 21.49 -13.49 9.39
C SER A 13 21.81 -13.81 7.92
N ARG A 14 20.81 -13.77 7.03
CA ARG A 14 21.04 -13.94 5.61
C ARG A 14 21.64 -12.70 4.98
N VAL A 15 21.53 -11.56 5.64
CA VAL A 15 22.01 -10.29 5.09
C VAL A 15 23.49 -10.17 5.39
N THR A 16 24.29 -10.05 4.35
CA THR A 16 25.72 -10.28 4.38
C THR A 16 26.47 -9.11 3.77
N LYS A 17 27.45 -8.57 4.48
CA LYS A 17 28.26 -7.49 3.91
C LYS A 17 28.99 -8.02 2.68
N PHE A 18 28.91 -7.28 1.57
CA PHE A 18 29.41 -7.79 0.28
C PHE A 18 29.77 -6.62 -0.63
N GLY A 19 31.05 -6.55 -1.02
CA GLY A 19 31.44 -5.51 -1.97
C GLY A 19 31.25 -4.14 -1.36
N SER A 20 30.64 -3.22 -2.13
CA SER A 20 30.33 -1.90 -1.63
C SER A 20 28.92 -1.82 -1.04
N GLY A 21 28.31 -2.96 -0.73
CA GLY A 21 27.00 -2.99 -0.09
C GLY A 21 26.72 -4.29 0.65
N TRP A 22 25.60 -4.92 0.30
CA TRP A 22 25.11 -6.13 0.94
C TRP A 22 24.61 -7.12 -0.10
N GLY A 23 24.50 -8.38 0.34
CA GLY A 23 23.75 -9.37 -0.40
C GLY A 23 22.93 -10.24 0.55
N PHE A 24 22.28 -11.28 0.03
CA PHE A 24 21.27 -12.02 0.79
C PHE A 24 21.29 -13.49 0.40
N TRP A 25 21.46 -14.38 1.38
CA TRP A 25 21.34 -15.82 1.16
C TRP A 25 19.86 -16.19 1.04
N VAL A 26 19.42 -16.47 -0.17
CA VAL A 26 18.09 -17.01 -0.40
C VAL A 26 18.00 -18.44 0.09
N SER A 27 19.10 -19.16 0.07
CA SER A 27 19.14 -20.57 0.43
C SER A 27 20.59 -20.94 0.71
N PRO A 28 20.87 -22.18 1.13
CA PRO A 28 22.27 -22.55 1.39
C PRO A 28 23.17 -22.29 0.19
N THR A 29 22.61 -22.24 -1.02
CA THR A 29 23.43 -22.19 -2.23
C THR A 29 23.23 -20.95 -3.10
N VAL A 30 22.23 -20.11 -2.83
CA VAL A 30 21.92 -18.99 -3.71
C VAL A 30 22.06 -17.67 -2.93
N PHE A 31 22.80 -16.75 -3.52
CA PHE A 31 23.10 -15.43 -2.95
C PHE A 31 22.72 -14.39 -3.98
N ILE A 32 21.97 -13.37 -3.54
CA ILE A 32 21.54 -12.32 -4.45
C ILE A 32 22.02 -10.97 -3.96
N THR A 33 22.22 -10.07 -4.92
CA THR A 33 22.67 -8.72 -4.63
C THR A 33 22.33 -7.83 -5.83
N THR A 34 22.62 -6.55 -5.70
CA THR A 34 22.44 -5.63 -6.82
C THR A 34 23.78 -5.52 -7.54
N THR A 35 23.74 -5.47 -8.87
CA THR A 35 24.94 -5.70 -9.65
C THR A 35 26.03 -4.67 -9.34
N HIS A 36 25.65 -3.43 -9.06
CA HIS A 36 26.72 -2.44 -8.98
C HIS A 36 27.52 -2.51 -7.69
N VAL A 37 27.11 -3.32 -6.69
CA VAL A 37 27.95 -3.43 -5.49
C VAL A 37 28.94 -4.58 -5.60
N VAL A 38 28.79 -5.43 -6.60
CA VAL A 38 29.59 -6.65 -6.72
C VAL A 38 31.04 -6.29 -6.99
N PRO A 39 32.00 -6.95 -6.35
CA PRO A 39 33.42 -6.69 -6.65
C PRO A 39 33.76 -7.09 -8.08
N THR A 40 34.74 -6.37 -8.63
CA THR A 40 35.21 -6.59 -9.99
C THR A 40 36.55 -7.34 -10.00
N GLY A 41 36.76 -8.13 -11.04
CA GLY A 41 38.04 -8.76 -11.25
C GLY A 41 38.46 -9.78 -10.22
N VAL A 42 37.51 -10.50 -9.64
CA VAL A 42 37.83 -11.54 -8.68
C VAL A 42 37.70 -12.89 -9.38
N LYS A 43 38.44 -13.88 -8.88
CA LYS A 43 38.38 -15.24 -9.40
C LYS A 43 37.66 -16.19 -8.46
N GLU A 44 37.10 -15.69 -7.36
CA GLU A 44 36.39 -16.54 -6.44
C GLU A 44 35.49 -15.69 -5.57
N PHE A 45 34.36 -16.28 -5.15
CA PHE A 45 33.44 -15.66 -4.22
C PHE A 45 33.24 -16.61 -3.05
N PHE A 46 33.47 -16.10 -1.83
CA PHE A 46 33.33 -16.90 -0.61
C PHE A 46 34.19 -18.16 -0.68
N GLY A 47 35.38 -18.02 -1.27
CA GLY A 47 36.32 -19.12 -1.38
C GLY A 47 36.16 -19.97 -2.61
N GLU A 48 35.02 -19.85 -3.32
CA GLU A 48 34.71 -20.77 -4.41
C GLU A 48 35.13 -20.18 -5.74
N PRO A 49 35.84 -20.94 -6.58
CA PRO A 49 36.19 -20.43 -7.91
C PRO A 49 34.97 -20.17 -8.77
N LEU A 50 35.07 -19.14 -9.62
CA LEU A 50 33.98 -18.81 -10.53
C LEU A 50 33.53 -20.02 -11.33
N SER A 51 34.45 -20.96 -11.59
CA SER A 51 34.13 -22.17 -12.33
C SER A 51 33.01 -22.95 -11.66
N SER A 52 32.89 -22.86 -10.35
CA SER A 52 31.93 -23.62 -9.57
C SER A 52 30.64 -22.87 -9.34
N ILE A 53 30.49 -21.68 -9.92
CA ILE A 53 29.40 -20.76 -9.61
C ILE A 53 28.68 -20.39 -10.89
N ALA A 54 27.37 -20.58 -10.90
CA ALA A 54 26.52 -20.04 -11.97
C ALA A 54 26.13 -18.63 -11.56
N ILE A 55 26.53 -17.64 -12.36
CA ILE A 55 26.24 -16.22 -12.08
C ILE A 55 25.33 -15.70 -13.17
N HIS A 56 24.18 -15.16 -12.76
CA HIS A 56 23.19 -14.59 -13.68
C HIS A 56 23.04 -13.13 -13.28
N GLN A 57 23.30 -12.22 -14.22
CA GLN A 57 23.20 -10.78 -13.94
C GLN A 57 22.43 -10.11 -15.05
N ALA A 58 21.37 -9.38 -14.68
CA ALA A 58 20.56 -8.67 -15.67
C ALA A 58 19.76 -7.58 -14.98
N GLY A 59 19.74 -6.41 -15.61
CA GLY A 59 18.86 -5.36 -15.12
C GLY A 59 19.12 -4.92 -13.70
N GLU A 60 20.38 -5.06 -13.24
CA GLU A 60 20.87 -4.66 -11.92
C GLU A 60 20.59 -5.70 -10.85
N PHE A 61 20.08 -6.87 -11.21
CA PHE A 61 19.89 -8.01 -10.31
C PHE A 61 20.98 -9.03 -10.58
N THR A 62 21.68 -9.47 -9.52
CA THR A 62 22.71 -10.49 -9.66
C THR A 62 22.39 -11.68 -8.74
N GLN A 63 22.49 -12.88 -9.32
CA GLN A 63 22.30 -14.11 -8.57
C GLN A 63 23.54 -14.97 -8.73
N PHE A 64 24.03 -15.49 -7.61
CA PHE A 64 25.08 -16.50 -7.57
C PHE A 64 24.46 -17.82 -7.12
N ARG A 65 24.71 -18.90 -7.86
CA ARG A 65 24.29 -20.22 -7.43
C ARG A 65 25.55 -21.05 -7.23
N PHE A 66 25.83 -21.40 -5.99
CA PHE A 66 27.05 -22.11 -5.67
C PHE A 66 26.84 -23.61 -5.85
N SER A 67 27.96 -24.31 -6.02
CA SER A 67 27.95 -25.77 -6.14
C SER A 67 28.15 -26.47 -4.81
N LYS A 68 28.30 -25.73 -3.70
CA LYS A 68 28.43 -26.28 -2.36
C LYS A 68 27.48 -25.52 -1.44
N LYS A 69 27.04 -26.18 -0.36
CA LYS A 69 26.19 -25.51 0.63
C LYS A 69 27.03 -24.54 1.45
N MET A 70 26.89 -23.24 1.13
CA MET A 70 27.64 -22.21 1.84
C MET A 70 27.03 -21.82 3.19
N ARG A 71 25.70 -21.84 3.29
CA ARG A 71 24.98 -21.54 4.53
C ARG A 71 24.06 -22.72 4.80
N PRO A 72 24.62 -23.88 5.21
CA PRO A 72 23.79 -25.08 5.38
C PRO A 72 22.77 -24.91 6.49
N ASP A 73 22.96 -23.94 7.37
CA ASP A 73 22.03 -23.65 8.47
C ASP A 73 20.69 -23.09 7.99
N LEU A 74 20.59 -22.68 6.74
CA LEU A 74 19.42 -21.94 6.27
C LEU A 74 18.45 -22.85 5.52
N THR A 75 17.16 -22.54 5.65
CA THR A 75 16.17 -23.11 4.74
C THR A 75 16.06 -22.27 3.45
N GLY A 76 15.55 -22.90 2.40
CA GLY A 76 15.37 -22.20 1.13
C GLY A 76 14.07 -21.41 1.16
N MET A 77 14.15 -20.16 0.71
CA MET A 77 12.94 -19.34 0.65
C MET A 77 12.65 -18.94 -0.78
N VAL A 78 11.41 -18.51 -1.00
CA VAL A 78 10.93 -18.19 -2.34
C VAL A 78 11.49 -16.84 -2.76
N LEU A 79 12.10 -16.82 -3.94
CA LEU A 79 12.47 -15.60 -4.64
C LEU A 79 11.42 -15.34 -5.70
N GLU A 80 10.73 -14.24 -5.58
CA GLU A 80 9.75 -13.87 -6.60
C GLU A 80 10.28 -12.70 -7.41
N GLU A 81 9.70 -12.52 -8.61
CA GLU A 81 10.02 -11.39 -9.47
C GLU A 81 9.18 -10.21 -9.02
N GLY A 82 9.68 -9.48 -8.02
CA GLY A 82 8.94 -8.37 -7.49
C GLY A 82 7.76 -8.80 -6.64
N CYS A 83 7.11 -7.81 -6.07
CA CYS A 83 5.89 -7.95 -5.28
C CYS A 83 4.72 -7.37 -6.06
N PRO A 84 3.49 -7.78 -5.75
CA PRO A 84 2.33 -7.13 -6.38
C PRO A 84 2.22 -5.70 -5.89
N GLU A 85 1.80 -4.80 -6.79
CA GLU A 85 1.54 -3.42 -6.39
C GLU A 85 0.75 -3.41 -5.10
N GLY A 86 1.09 -2.47 -4.21
CA GLY A 86 0.38 -2.30 -2.96
C GLY A 86 0.93 -3.10 -1.79
N THR A 87 1.64 -4.20 -2.04
CA THR A 87 2.23 -4.97 -0.96
C THR A 87 3.12 -4.08 -0.09
N VAL A 88 3.02 -4.25 1.22
CA VAL A 88 3.95 -3.59 2.13
C VAL A 88 5.09 -4.56 2.39
N CYS A 89 6.29 -4.17 1.96
CA CYS A 89 7.50 -4.95 2.16
C CYS A 89 8.36 -4.30 3.24
N SER A 90 9.31 -5.06 3.76
CA SER A 90 10.37 -4.52 4.61
C SER A 90 11.70 -4.60 3.88
N VAL A 91 12.46 -3.50 3.91
CA VAL A 91 13.82 -3.49 3.43
C VAL A 91 14.72 -3.79 4.63
N LEU A 92 15.44 -4.90 4.57
CA LEU A 92 16.24 -5.32 5.72
C LEU A 92 17.60 -4.65 5.64
N ILE A 93 17.67 -3.44 6.17
CA ILE A 93 18.88 -2.64 6.10
C ILE A 93 19.76 -2.95 7.29
N LYS A 94 20.96 -3.43 7.03
CA LYS A 94 22.02 -3.49 8.02
C LYS A 94 22.94 -2.29 7.85
N ARG A 95 23.34 -1.69 8.97
CA ARG A 95 24.36 -0.66 8.94
C ARG A 95 25.67 -1.21 9.52
N ASP A 96 26.78 -0.60 9.09
CA ASP A 96 28.10 -1.02 9.56
C ASP A 96 28.22 -0.88 11.08
N SER A 97 27.38 -0.06 11.70
CA SER A 97 27.40 0.06 13.15
C SER A 97 26.93 -1.22 13.84
N GLY A 98 26.19 -2.06 13.13
CA GLY A 98 25.53 -3.21 13.69
C GLY A 98 24.03 -3.04 13.82
N GLU A 99 23.54 -1.81 13.72
CA GLU A 99 22.12 -1.57 13.82
C GLU A 99 21.36 -2.25 12.69
N LEU A 100 20.18 -2.77 13.03
CA LEU A 100 19.26 -3.37 12.07
C LEU A 100 18.09 -2.43 11.90
N LEU A 101 17.77 -2.14 10.66
CA LEU A 101 16.82 -1.08 10.32
C LEU A 101 15.84 -1.64 9.29
N PRO A 102 14.78 -2.29 9.74
CA PRO A 102 13.74 -2.73 8.79
C PRO A 102 12.92 -1.51 8.39
N LEU A 103 12.98 -1.15 7.10
CA LEU A 103 12.19 -0.03 6.59
C LEU A 103 10.94 -0.56 5.90
N ALA A 104 9.78 -0.06 6.33
CA ALA A 104 8.52 -0.41 5.68
C ALA A 104 8.38 0.36 4.37
N VAL A 105 8.03 -0.35 3.29
CA VAL A 105 7.88 0.25 1.97
C VAL A 105 6.61 -0.25 1.31
N ARG A 106 5.80 0.67 0.78
CA ARG A 106 4.65 0.29 -0.05
C ARG A 106 5.07 0.25 -1.51
N MET A 107 5.02 -0.95 -2.10
CA MET A 107 5.59 -1.16 -3.42
C MET A 107 4.62 -0.72 -4.50
N GLY A 108 5.18 -0.08 -5.52
CA GLY A 108 4.45 0.33 -6.70
C GLY A 108 4.59 -0.68 -7.83
N ALA A 109 4.65 -0.17 -9.05
CA ALA A 109 4.65 -1.01 -10.24
C ALA A 109 6.06 -1.43 -10.63
N ILE A 110 6.17 -2.60 -11.23
CA ILE A 110 7.41 -3.06 -11.85
C ILE A 110 7.56 -2.37 -13.18
N ALA A 111 8.75 -1.83 -13.44
CA ALA A 111 8.99 -1.19 -14.73
C ALA A 111 10.49 -1.08 -15.00
N SER A 112 10.83 -0.88 -16.26
CA SER A 112 12.19 -0.57 -16.66
C SER A 112 12.49 0.89 -16.37
N MET A 113 13.67 1.15 -15.82
CA MET A 113 14.08 2.51 -15.46
C MET A 113 15.52 2.73 -15.88
N ARG A 114 15.87 3.98 -16.18
CA ARG A 114 17.25 4.34 -16.44
C ARG A 114 17.75 5.13 -15.24
N ILE A 115 18.76 4.58 -14.57
CA ILE A 115 19.27 5.13 -13.33
C ILE A 115 20.76 5.32 -13.52
N GLN A 116 21.20 6.58 -13.59
CA GLN A 116 22.61 6.92 -13.85
C GLN A 116 23.18 6.11 -15.02
N GLY A 117 22.39 6.01 -16.08
CA GLY A 117 22.84 5.43 -17.33
C GLY A 117 22.60 3.95 -17.48
N ARG A 118 22.21 3.26 -16.41
CA ARG A 118 22.07 1.82 -16.41
C ARG A 118 20.59 1.47 -16.48
N LEU A 119 20.26 0.44 -17.26
CA LEU A 119 18.87 -0.02 -17.29
C LEU A 119 18.59 -0.91 -16.08
N VAL A 120 17.58 -0.52 -15.30
CA VAL A 120 17.20 -1.25 -14.09
C VAL A 120 15.85 -1.89 -14.34
N HIS A 121 15.76 -3.20 -14.11
CA HIS A 121 14.48 -3.89 -14.06
C HIS A 121 14.02 -3.76 -12.62
N GLY A 122 13.19 -2.74 -12.35
CA GLY A 122 13.01 -2.26 -11.02
C GLY A 122 11.54 -2.24 -10.58
N GLN A 123 11.36 -2.05 -9.28
CA GLN A 123 10.07 -1.77 -8.70
C GLN A 123 10.29 -0.61 -7.75
N SER A 124 9.47 0.41 -7.87
CA SER A 124 9.57 1.53 -6.95
C SER A 124 8.68 1.25 -5.74
N GLY A 125 8.96 1.96 -4.65
CA GLY A 125 8.11 1.86 -3.48
C GLY A 125 8.24 3.10 -2.63
N MET A 126 7.21 3.36 -1.85
CA MET A 126 7.13 4.57 -1.04
C MET A 126 7.36 4.22 0.43
N LEU A 127 8.33 4.89 1.03
CA LEU A 127 8.64 4.66 2.44
C LEU A 127 7.47 5.06 3.33
N LEU A 128 7.19 4.23 4.33
CA LEU A 128 6.15 4.53 5.31
C LEU A 128 6.77 5.02 6.62
N LEU A 138 13.50 7.98 8.80
CA LEU A 138 14.08 6.70 8.46
C LEU A 138 14.24 6.62 6.96
N GLY A 139 15.50 6.53 6.48
CA GLY A 139 15.76 6.54 5.06
C GLY A 139 16.96 5.67 4.71
N THR A 140 17.17 5.52 3.40
CA THR A 140 18.30 4.76 2.90
C THR A 140 19.47 5.71 2.58
N ILE A 141 20.68 5.17 2.64
CA ILE A 141 21.89 5.95 2.41
C ILE A 141 22.85 5.18 1.54
N PRO A 142 23.84 5.84 0.96
CA PRO A 142 24.92 5.13 0.25
C PRO A 142 25.49 4.02 1.11
N GLY A 143 25.63 2.84 0.52
CA GLY A 143 26.10 1.67 1.25
C GLY A 143 25.01 0.70 1.62
N ASP A 144 23.74 1.12 1.49
CA ASP A 144 22.59 0.28 1.77
C ASP A 144 22.22 -0.63 0.58
N CYS A 145 22.86 -0.47 -0.57
CA CYS A 145 22.44 -1.22 -1.73
C CYS A 145 22.76 -2.71 -1.58
N GLY A 146 21.91 -3.54 -2.20
CA GLY A 146 21.90 -4.96 -2.04
C GLY A 146 20.95 -5.47 -0.96
N ALA A 147 20.54 -4.60 -0.06
CA ALA A 147 19.66 -4.98 1.04
C ALA A 147 18.37 -5.58 0.49
N PRO A 148 17.86 -6.66 1.09
CA PRO A 148 16.71 -7.34 0.48
C PRO A 148 15.37 -6.73 0.85
N TYR A 149 14.45 -6.84 -0.11
CA TYR A 149 13.06 -6.48 0.07
C TYR A 149 12.27 -7.76 0.30
N VAL A 150 11.60 -7.85 1.44
CA VAL A 150 11.02 -9.12 1.87
C VAL A 150 9.60 -8.85 2.34
N HIS A 151 8.76 -9.88 2.27
CA HIS A 151 7.45 -9.82 2.89
C HIS A 151 7.06 -11.22 3.30
N LYS A 152 6.16 -11.28 4.28
CA LYS A 152 5.74 -12.55 4.86
C LYS A 152 4.36 -12.87 4.31
N ARG A 153 4.29 -13.88 3.46
CA ARG A 153 3.04 -14.32 2.84
C ARG A 153 2.53 -15.50 3.65
N GLY A 154 1.52 -15.27 4.48
CA GLY A 154 1.09 -16.30 5.40
C GLY A 154 2.22 -16.77 6.28
N ASN A 155 2.63 -18.02 6.10
CA ASN A 155 3.61 -18.66 6.98
C ASN A 155 5.04 -18.58 6.48
N ASP A 156 5.28 -18.10 5.27
CA ASP A 156 6.59 -18.15 4.64
C ASP A 156 7.07 -16.75 4.26
N TRP A 157 8.35 -16.49 4.48
CA TRP A 157 8.97 -15.25 4.04
C TRP A 157 9.37 -15.35 2.58
N VAL A 158 9.10 -14.28 1.82
CA VAL A 158 9.43 -14.18 0.40
C VAL A 158 10.40 -13.03 0.22
N VAL A 159 11.37 -13.18 -0.67
CA VAL A 159 12.25 -12.10 -1.08
C VAL A 159 11.91 -11.75 -2.53
N CYS A 160 11.79 -10.46 -2.82
CA CYS A 160 11.34 -10.07 -4.15
C CYS A 160 12.19 -9.00 -4.80
N GLY A 161 13.21 -8.49 -4.12
CA GLY A 161 14.16 -7.57 -4.73
C GLY A 161 15.32 -7.23 -3.83
N VAL A 162 16.24 -6.45 -4.41
CA VAL A 162 17.42 -5.95 -3.73
C VAL A 162 17.51 -4.44 -3.96
N HIS A 163 17.93 -3.72 -2.91
CA HIS A 163 17.85 -2.26 -2.93
C HIS A 163 18.84 -1.70 -3.94
N ALA A 164 18.37 -0.77 -4.78
CA ALA A 164 19.25 -0.24 -5.81
C ALA A 164 19.36 1.29 -5.82
N ALA A 165 18.35 2.03 -5.38
CA ALA A 165 18.35 3.47 -5.61
C ALA A 165 17.25 4.12 -4.80
N ALA A 166 17.33 5.45 -4.65
CA ALA A 166 16.31 6.25 -4.02
C ALA A 166 16.20 7.59 -4.74
N THR A 167 15.01 8.19 -4.72
CA THR A 167 14.85 9.54 -5.27
C THR A 167 15.61 10.56 -4.40
N LYS A 168 15.74 11.79 -4.93
CA LYS A 168 16.46 12.83 -4.21
C LYS A 168 15.80 13.14 -2.88
N SER A 169 14.47 13.14 -2.84
CA SER A 169 13.75 13.34 -1.60
C SER A 169 14.00 12.20 -0.61
N GLY A 170 14.42 11.03 -1.10
CA GLY A 170 14.61 9.88 -0.26
C GLY A 170 13.33 9.16 0.10
N ASN A 171 12.18 9.69 -0.31
CA ASN A 171 10.89 9.11 0.08
C ASN A 171 10.46 7.98 -0.83
N THR A 172 11.05 7.85 -2.02
CA THR A 172 10.76 6.76 -2.95
C THR A 172 12.05 5.97 -3.18
N VAL A 173 11.96 4.65 -3.04
CA VAL A 173 13.08 3.75 -3.19
C VAL A 173 12.80 2.88 -4.41
N VAL A 174 13.85 2.24 -4.93
CA VAL A 174 13.71 1.30 -6.04
C VAL A 174 14.44 0.00 -5.70
N CYS A 175 13.81 -1.12 -5.89
CA CYS A 175 14.55 -2.35 -5.74
C CYS A 175 14.66 -2.96 -7.14
N ALA A 176 15.75 -3.60 -7.41
CA ALA A 176 15.97 -4.38 -8.64
C ALA A 176 15.33 -5.75 -8.48
N VAL A 177 14.69 -6.25 -9.53
CA VAL A 177 13.96 -7.50 -9.44
C VAL A 177 14.47 -8.46 -10.51
N GLN A 178 14.28 -9.74 -10.26
CA GLN A 178 14.71 -10.75 -11.20
C GLN A 178 13.71 -10.87 -12.34
N ALA A 179 14.20 -11.25 -13.51
CA ALA A 179 13.34 -11.35 -14.69
C ALA A 179 12.04 -12.10 -14.39
N HIS B 4 9.70 -20.26 26.26
CA HIS B 4 10.96 -20.36 25.47
C HIS B 4 11.57 -18.97 25.24
N HIS B 5 12.54 -18.58 26.07
CA HIS B 5 13.14 -17.25 25.99
C HIS B 5 14.10 -17.20 24.82
N HIS B 6 13.66 -16.65 23.68
CA HIS B 6 14.45 -16.64 22.46
C HIS B 6 14.75 -15.21 22.03
N ALA B 7 16.02 -14.96 21.76
CA ALA B 7 16.54 -13.60 21.67
C ALA B 7 16.06 -12.91 20.41
N PRO B 8 15.64 -11.65 20.52
CA PRO B 8 15.15 -10.91 19.35
C PRO B 8 16.29 -10.35 18.52
N PRO B 9 16.02 -9.93 17.28
CA PRO B 9 17.11 -9.43 16.43
C PRO B 9 17.92 -8.31 17.08
N THR B 10 17.29 -7.34 17.76
CA THR B 10 18.07 -6.26 18.35
C THR B 10 19.08 -6.78 19.38
N LEU B 11 18.77 -7.90 20.04
CA LEU B 11 19.74 -8.45 20.98
C LEU B 11 20.93 -9.02 20.23
N TRP B 12 20.67 -9.82 19.20
CA TRP B 12 21.76 -10.28 18.37
C TRP B 12 22.56 -9.11 17.80
N SER B 13 21.89 -8.01 17.50
CA SER B 13 22.60 -6.90 16.85
C SER B 13 23.61 -6.25 17.80
N ARG B 14 23.57 -6.58 19.08
CA ARG B 14 24.52 -6.06 20.04
C ARG B 14 25.84 -6.81 19.99
N VAL B 15 25.83 -8.01 19.41
CA VAL B 15 26.99 -8.88 19.34
C VAL B 15 27.86 -8.43 18.17
N THR B 16 29.08 -8.00 18.47
CA THR B 16 29.91 -7.25 17.54
C THR B 16 31.28 -7.88 17.36
N LYS B 17 31.71 -8.06 16.11
CA LYS B 17 33.05 -8.61 15.89
C LYS B 17 34.09 -7.66 16.48
N PHE B 18 35.06 -8.21 17.20
CA PHE B 18 35.99 -7.36 17.96
C PHE B 18 37.26 -8.13 18.24
N GLY B 19 38.39 -7.64 17.71
CA GLY B 19 39.65 -8.33 17.90
C GLY B 19 39.57 -9.74 17.37
N SER B 20 40.13 -10.67 18.14
CA SER B 20 40.09 -12.08 17.81
C SER B 20 38.82 -12.76 18.31
N GLY B 21 37.78 -11.99 18.63
CA GLY B 21 36.52 -12.57 19.05
C GLY B 21 35.34 -11.63 18.82
N TRP B 22 34.59 -11.40 19.90
CA TRP B 22 33.35 -10.63 19.89
C TRP B 22 33.27 -9.77 21.14
N GLY B 23 32.37 -8.80 21.08
CA GLY B 23 31.95 -8.04 22.24
C GLY B 23 30.46 -7.77 22.13
N PHE B 24 29.95 -7.06 23.14
CA PHE B 24 28.52 -6.90 23.34
C PHE B 24 28.21 -5.50 23.82
N TRP B 25 27.30 -4.82 23.13
CA TRP B 25 26.83 -3.49 23.50
C TRP B 25 25.77 -3.65 24.57
N VAL B 26 26.11 -3.33 25.81
CA VAL B 26 25.13 -3.36 26.88
C VAL B 26 24.21 -2.16 26.80
N SER B 27 24.71 -1.05 26.27
CA SER B 27 24.00 0.22 26.20
C SER B 27 24.63 1.02 25.08
N PRO B 28 24.07 2.19 24.76
CA PRO B 28 24.69 3.00 23.70
C PRO B 28 26.11 3.40 23.99
N THR B 29 26.54 3.41 25.26
CA THR B 29 27.90 3.80 25.58
C THR B 29 28.78 2.69 26.16
N VAL B 30 28.24 1.54 26.53
CA VAL B 30 29.01 0.52 27.24
C VAL B 30 29.12 -0.73 26.38
N PHE B 31 30.36 -1.21 26.22
CA PHE B 31 30.72 -2.38 25.42
C PHE B 31 31.52 -3.31 26.32
N ILE B 32 31.17 -4.60 26.33
CA ILE B 32 31.90 -5.56 27.15
C ILE B 32 32.48 -6.67 26.30
N THR B 33 33.62 -7.18 26.73
CA THR B 33 34.26 -8.29 26.03
C THR B 33 35.19 -9.02 26.99
N THR B 34 35.82 -10.08 26.48
CA THR B 34 36.82 -10.82 27.25
C THR B 34 38.18 -10.20 26.98
N THR B 35 38.97 -10.04 28.04
CA THR B 35 40.18 -9.23 27.92
C THR B 35 41.11 -9.76 26.83
N HIS B 36 41.19 -11.07 26.64
CA HIS B 36 42.24 -11.61 25.78
C HIS B 36 41.93 -11.47 24.29
N VAL B 37 40.72 -11.06 23.91
CA VAL B 37 40.43 -10.81 22.50
C VAL B 37 40.57 -9.34 22.11
N VAL B 38 40.80 -8.44 23.07
CA VAL B 38 40.90 -7.02 22.78
C VAL B 38 42.17 -6.77 21.96
N PRO B 39 42.11 -6.03 20.85
CA PRO B 39 43.34 -5.79 20.09
C PRO B 39 44.29 -4.86 20.84
N THR B 40 45.58 -5.10 20.67
CA THR B 40 46.62 -4.32 21.32
C THR B 40 47.26 -3.37 20.32
N GLY B 41 47.88 -2.32 20.86
CA GLY B 41 48.61 -1.38 20.04
C GLY B 41 47.74 -0.50 19.17
N VAL B 42 46.54 -0.19 19.63
CA VAL B 42 45.59 0.61 18.88
C VAL B 42 45.41 1.97 19.56
N LYS B 43 45.24 2.98 18.72
CA LYS B 43 44.98 4.37 19.07
C LYS B 43 43.52 4.70 19.29
N GLU B 44 42.64 3.74 19.14
CA GLU B 44 41.22 4.03 19.07
C GLU B 44 40.47 2.71 19.13
N PHE B 45 39.23 2.81 19.58
CA PHE B 45 38.26 1.73 19.43
C PHE B 45 37.02 2.30 18.78
N PHE B 46 36.57 1.68 17.70
CA PHE B 46 35.40 2.16 16.96
C PHE B 46 35.54 3.65 16.64
N GLY B 47 36.77 4.07 16.36
CA GLY B 47 37.06 5.42 15.97
C GLY B 47 37.14 6.42 17.11
N GLU B 48 36.99 5.99 18.36
CA GLU B 48 37.14 6.88 19.50
C GLU B 48 38.50 6.70 20.16
N PRO B 49 39.20 7.77 20.51
CA PRO B 49 40.52 7.60 21.11
C PRO B 49 40.45 7.12 22.54
N LEU B 50 41.48 6.38 22.96
CA LEU B 50 41.48 5.80 24.29
C LEU B 50 41.25 6.86 25.36
N SER B 51 41.77 8.07 25.14
CA SER B 51 41.64 9.12 26.13
C SER B 51 40.18 9.43 26.44
N SER B 52 39.27 9.15 25.51
CA SER B 52 37.85 9.47 25.67
C SER B 52 37.03 8.26 26.08
N ILE B 53 37.68 7.18 26.48
CA ILE B 53 37.02 5.94 26.88
C ILE B 53 37.49 5.58 28.28
N ALA B 54 36.55 5.24 29.17
CA ALA B 54 36.87 4.63 30.44
C ALA B 54 36.93 3.11 30.26
N ILE B 55 38.06 2.51 30.61
CA ILE B 55 38.29 1.08 30.42
C ILE B 55 38.50 0.45 31.79
N HIS B 56 37.72 -0.58 32.11
CA HIS B 56 37.86 -1.32 33.36
C HIS B 56 38.06 -2.78 33.01
N GLN B 57 39.13 -3.37 33.52
CA GLN B 57 39.49 -4.76 33.23
C GLN B 57 39.87 -5.45 34.53
N ALA B 58 39.40 -6.68 34.71
CA ALA B 58 39.88 -7.52 35.81
C ALA B 58 39.36 -8.93 35.59
N GLY B 59 40.19 -9.92 35.93
CA GLY B 59 39.73 -11.29 35.87
C GLY B 59 39.21 -11.73 34.53
N GLU B 60 39.75 -11.15 33.45
CA GLU B 60 39.46 -11.43 32.04
C GLU B 60 38.12 -10.87 31.58
N PHE B 61 37.50 -9.99 32.35
CA PHE B 61 36.33 -9.22 31.94
C PHE B 61 36.77 -7.79 31.63
N THR B 62 36.37 -7.29 30.46
CA THR B 62 36.76 -5.94 30.05
C THR B 62 35.51 -5.11 29.78
N GLN B 63 35.46 -3.90 30.31
CA GLN B 63 34.36 -2.98 30.07
C GLN B 63 34.87 -1.67 29.51
N PHE B 64 34.25 -1.20 28.44
CA PHE B 64 34.52 0.11 27.87
C PHE B 64 33.31 1.01 28.07
N ARG B 65 33.52 2.21 28.61
CA ARG B 65 32.47 3.23 28.66
C ARG B 65 32.91 4.41 27.78
N PHE B 66 32.18 4.63 26.70
CA PHE B 66 32.52 5.68 25.73
C PHE B 66 31.92 7.01 26.14
N SER B 67 32.53 8.09 25.65
CA SER B 67 32.10 9.44 25.98
C SER B 67 30.94 9.90 25.12
N LYS B 68 30.63 9.17 24.06
CA LYS B 68 29.53 9.50 23.17
C LYS B 68 28.71 8.25 22.92
N LYS B 69 27.49 8.47 22.45
CA LYS B 69 26.58 7.38 22.13
C LYS B 69 27.04 6.70 20.86
N MET B 70 27.52 5.47 21.00
CA MET B 70 28.01 4.68 19.86
C MET B 70 26.89 3.91 19.18
N ARG B 71 25.88 3.49 19.94
CA ARG B 71 24.76 2.71 19.43
C ARG B 71 23.51 3.32 20.02
N PRO B 72 23.16 4.54 19.60
CA PRO B 72 21.99 5.22 20.17
C PRO B 72 20.68 4.55 19.82
N ASP B 73 20.65 3.63 18.86
CA ASP B 73 19.46 2.83 18.60
C ASP B 73 19.14 1.86 19.73
N LEU B 74 20.07 1.60 20.64
CA LEU B 74 19.85 0.58 21.66
C LEU B 74 19.35 1.17 22.98
N THR B 75 18.46 0.43 23.64
CA THR B 75 18.16 0.66 25.05
C THR B 75 19.24 0.06 25.93
N GLY B 76 19.39 0.59 27.15
CA GLY B 76 20.33 0.04 28.09
C GLY B 76 19.76 -1.21 28.76
N MET B 77 20.56 -2.26 28.87
CA MET B 77 20.12 -3.45 29.57
C MET B 77 20.93 -3.67 30.84
N VAL B 78 20.42 -4.53 31.70
CA VAL B 78 21.09 -4.79 32.97
C VAL B 78 22.24 -5.75 32.73
N LEU B 79 23.43 -5.39 33.24
CA LEU B 79 24.58 -6.27 33.33
C LEU B 79 24.61 -6.78 34.76
N GLU B 80 24.39 -8.08 34.92
CA GLU B 80 24.35 -8.69 36.25
C GLU B 80 25.72 -9.20 36.64
N GLU B 81 25.91 -9.38 37.95
CA GLU B 81 27.20 -9.81 38.49
C GLU B 81 27.23 -11.34 38.52
N GLY B 82 27.30 -11.89 37.33
CA GLY B 82 27.24 -13.33 37.15
C GLY B 82 25.82 -13.81 36.87
N CYS B 83 25.72 -15.03 36.39
CA CYS B 83 24.43 -15.62 36.10
C CYS B 83 23.92 -16.34 37.34
N PRO B 84 22.60 -16.49 37.47
CA PRO B 84 22.07 -17.14 38.68
C PRO B 84 22.27 -18.65 38.62
N GLU B 85 22.84 -19.20 39.69
CA GLU B 85 23.14 -20.62 39.73
C GLU B 85 21.90 -21.43 39.34
N GLY B 86 22.12 -22.46 38.53
CA GLY B 86 21.04 -23.32 38.08
C GLY B 86 20.22 -22.81 36.91
N THR B 87 20.28 -21.53 36.59
CA THR B 87 19.46 -21.01 35.51
C THR B 87 20.02 -21.47 34.16
N VAL B 88 19.12 -21.57 33.18
CA VAL B 88 19.54 -21.86 31.80
C VAL B 88 19.70 -20.52 31.09
N CYS B 89 20.94 -20.20 30.72
CA CYS B 89 21.23 -19.02 29.93
C CYS B 89 21.47 -19.41 28.48
N SER B 90 21.47 -18.41 27.60
CA SER B 90 21.85 -18.60 26.21
C SER B 90 23.18 -17.91 25.95
N VAL B 91 24.08 -18.59 25.25
CA VAL B 91 25.32 -17.97 24.80
C VAL B 91 25.09 -17.55 23.36
N LEU B 92 25.22 -16.26 23.08
CA LEU B 92 24.83 -15.75 21.75
C LEU B 92 26.02 -15.81 20.81
N ILE B 93 26.22 -16.98 20.25
CA ILE B 93 27.36 -17.25 19.38
C ILE B 93 27.02 -16.80 17.97
N LYS B 94 27.83 -15.90 17.42
CA LYS B 94 27.83 -15.63 15.99
C LYS B 94 29.06 -16.27 15.38
N ARG B 95 28.89 -16.84 14.20
CA ARG B 95 30.01 -17.42 13.46
C ARG B 95 30.36 -16.56 12.26
N ASP B 96 31.62 -16.67 11.84
CA ASP B 96 32.14 -15.86 10.75
C ASP B 96 31.29 -16.01 9.48
N SER B 97 30.61 -17.13 9.32
CA SER B 97 29.73 -17.34 8.17
C SER B 97 28.48 -16.47 8.20
N GLY B 98 28.16 -15.84 9.33
CA GLY B 98 26.88 -15.20 9.52
C GLY B 98 25.87 -16.04 10.27
N GLU B 99 26.15 -17.33 10.44
CA GLU B 99 25.26 -18.19 11.19
C GLU B 99 25.15 -17.72 12.64
N LEU B 100 23.92 -17.79 13.17
CA LEU B 100 23.61 -17.50 14.56
C LEU B 100 23.41 -18.82 15.29
N LEU B 101 24.21 -19.07 16.32
CA LEU B 101 24.21 -20.35 17.03
C LEU B 101 24.02 -20.11 18.52
N PRO B 102 22.78 -19.87 18.95
CA PRO B 102 22.52 -19.77 20.40
C PRO B 102 22.69 -21.15 21.04
N LEU B 103 23.43 -21.19 22.15
CA LEU B 103 23.67 -22.43 22.86
C LEU B 103 23.12 -22.31 24.28
N ALA B 104 22.32 -23.29 24.69
CA ALA B 104 21.74 -23.29 26.01
C ALA B 104 22.74 -23.87 26.99
N VAL B 105 22.83 -23.26 28.18
CA VAL B 105 23.84 -23.65 29.15
C VAL B 105 23.25 -23.47 30.55
N ARG B 106 23.33 -24.53 31.35
CA ARG B 106 22.95 -24.52 32.74
C ARG B 106 24.13 -24.02 33.57
N MET B 107 23.97 -22.86 34.19
CA MET B 107 25.08 -22.20 34.85
C MET B 107 25.35 -22.81 36.22
N GLY B 108 26.62 -23.05 36.51
CA GLY B 108 27.03 -23.52 37.81
C GLY B 108 27.35 -22.37 38.73
N ALA B 109 28.39 -22.53 39.55
CA ALA B 109 28.69 -21.56 40.59
C ALA B 109 29.79 -20.61 40.11
N ILE B 110 29.73 -19.38 40.63
CA ILE B 110 30.80 -18.43 40.38
C ILE B 110 32.03 -18.86 41.17
N ALA B 111 33.19 -18.80 40.52
CA ALA B 111 34.43 -19.10 41.19
C ALA B 111 35.53 -18.50 40.34
N SER B 112 36.65 -18.17 40.97
CA SER B 112 37.84 -17.80 40.23
C SER B 112 38.70 -19.04 40.03
N MET B 113 39.39 -19.08 38.88
CA MET B 113 40.11 -20.26 38.44
C MET B 113 41.22 -19.78 37.52
N ARG B 114 42.33 -20.50 37.51
CA ARG B 114 43.43 -20.15 36.63
C ARG B 114 43.32 -20.96 35.34
N ILE B 115 43.42 -20.28 34.20
CA ILE B 115 43.26 -20.88 32.88
C ILE B 115 44.44 -20.46 32.03
N GLN B 116 45.30 -21.41 31.61
CA GLN B 116 46.48 -21.16 30.77
C GLN B 116 47.32 -20.04 31.39
N GLY B 117 47.42 -19.99 32.72
CA GLY B 117 48.28 -19.06 33.39
C GLY B 117 47.55 -17.84 33.95
N ARG B 118 46.46 -17.43 33.33
CA ARG B 118 45.81 -16.18 33.70
C ARG B 118 44.60 -16.45 34.60
N LEU B 119 44.37 -15.52 35.53
CA LEU B 119 43.31 -15.65 36.51
C LEU B 119 42.01 -15.14 35.92
N VAL B 120 41.00 -15.99 35.94
CA VAL B 120 39.68 -15.68 35.39
C VAL B 120 38.69 -15.67 36.56
N HIS B 121 38.03 -14.53 36.76
CA HIS B 121 36.90 -14.48 37.67
C HIS B 121 35.67 -14.85 36.86
N GLY B 122 35.17 -16.06 37.07
CA GLY B 122 34.26 -16.62 36.10
C GLY B 122 33.19 -17.51 36.68
N GLN B 123 32.56 -18.28 35.80
CA GLN B 123 31.43 -19.11 36.19
C GLN B 123 31.33 -20.24 35.17
N SER B 124 31.47 -21.47 35.61
CA SER B 124 31.30 -22.57 34.67
C SER B 124 29.82 -22.79 34.37
N GLY B 125 29.57 -23.61 33.36
CA GLY B 125 28.23 -24.06 33.05
C GLY B 125 28.32 -25.21 32.07
N MET B 126 27.27 -26.02 32.05
CA MET B 126 27.25 -27.22 31.24
C MET B 126 26.29 -27.04 30.06
N LEU B 127 26.76 -27.46 28.89
CA LEU B 127 26.00 -27.31 27.67
C LEU B 127 24.84 -28.31 27.62
N LEU B 128 23.64 -27.80 27.39
CA LEU B 128 22.50 -28.67 27.10
C LEU B 128 22.42 -28.96 25.61
N LEU B 138 27.40 -28.70 17.70
CA LEU B 138 26.93 -27.89 18.81
C LEU B 138 28.03 -27.82 19.88
N GLY B 139 28.72 -26.68 19.93
CA GLY B 139 29.85 -26.51 20.82
C GLY B 139 30.64 -25.26 20.44
N THR B 140 31.44 -24.76 21.37
CA THR B 140 32.22 -23.55 21.14
C THR B 140 33.60 -23.86 20.57
N ILE B 141 34.15 -22.93 19.83
CA ILE B 141 35.42 -23.11 19.13
C ILE B 141 36.25 -21.84 19.22
N PRO B 142 37.53 -21.87 18.86
CA PRO B 142 38.32 -20.63 18.83
C PRO B 142 37.65 -19.59 17.94
N GLY B 143 37.71 -18.34 18.37
CA GLY B 143 37.00 -17.23 17.75
C GLY B 143 35.67 -16.90 18.40
N ASP B 144 35.17 -17.75 19.28
CA ASP B 144 33.88 -17.53 19.91
C ASP B 144 33.96 -16.67 21.17
N CYS B 145 35.15 -16.33 21.64
CA CYS B 145 35.24 -15.68 22.94
C CYS B 145 34.76 -14.24 22.89
N GLY B 146 34.12 -13.83 23.99
CA GLY B 146 33.44 -12.57 24.07
C GLY B 146 31.96 -12.66 23.81
N ALA B 147 31.48 -13.79 23.28
CA ALA B 147 30.05 -13.95 23.06
C ALA B 147 29.32 -13.85 24.39
N PRO B 148 28.15 -13.20 24.43
CA PRO B 148 27.48 -12.92 25.69
C PRO B 148 26.61 -14.07 26.18
N TYR B 149 26.54 -14.18 27.51
CA TYR B 149 25.65 -15.09 28.21
C TYR B 149 24.46 -14.29 28.70
N VAL B 150 23.24 -14.66 28.29
CA VAL B 150 22.05 -13.85 28.58
C VAL B 150 20.91 -14.73 29.06
N HIS B 151 19.96 -14.09 29.75
CA HIS B 151 18.69 -14.72 30.08
C HIS B 151 17.69 -13.60 30.31
N LYS B 152 16.42 -13.96 30.23
CA LYS B 152 15.33 -12.98 30.28
C LYS B 152 14.67 -13.04 31.65
N ARG B 153 14.72 -11.92 32.38
CA ARG B 153 14.07 -11.80 33.68
C ARG B 153 12.71 -11.13 33.44
N GLY B 154 11.68 -11.96 33.32
CA GLY B 154 10.34 -11.45 33.11
C GLY B 154 10.10 -10.90 31.73
N ASN B 155 10.20 -9.57 31.58
CA ASN B 155 10.05 -8.91 30.29
C ASN B 155 11.33 -8.22 29.86
N ASP B 156 12.48 -8.58 30.45
CA ASP B 156 13.73 -7.89 30.21
C ASP B 156 14.85 -8.90 30.02
N TRP B 157 15.62 -8.75 28.94
CA TRP B 157 16.86 -9.50 28.78
C TRP B 157 17.96 -8.87 29.64
N VAL B 158 18.78 -9.73 30.25
CA VAL B 158 19.96 -9.29 31.00
C VAL B 158 21.17 -10.09 30.53
N VAL B 159 22.35 -9.50 30.68
CA VAL B 159 23.59 -10.14 30.28
C VAL B 159 24.43 -10.35 31.53
N CYS B 160 25.07 -11.52 31.65
CA CYS B 160 25.74 -11.84 32.90
C CYS B 160 27.17 -12.33 32.76
N GLY B 161 27.70 -12.48 31.55
CA GLY B 161 29.06 -12.93 31.38
C GLY B 161 29.43 -12.91 29.90
N VAL B 162 30.72 -13.15 29.65
CA VAL B 162 31.27 -13.20 28.30
C VAL B 162 32.09 -14.47 28.13
N HIS B 163 32.01 -15.08 26.95
CA HIS B 163 32.60 -16.41 26.80
C HIS B 163 34.12 -16.32 26.90
N ALA B 164 34.72 -17.21 27.71
CA ALA B 164 36.17 -17.17 27.90
C ALA B 164 36.89 -18.47 27.55
N ALA B 165 36.29 -19.62 27.81
CA ALA B 165 37.02 -20.87 27.65
C ALA B 165 36.06 -22.03 27.61
N ALA B 166 36.60 -23.21 27.27
CA ALA B 166 35.84 -24.44 27.34
C ALA B 166 36.80 -25.58 27.61
N THR B 167 36.29 -26.62 28.26
CA THR B 167 37.10 -27.81 28.50
C THR B 167 37.37 -28.54 27.19
N LYS B 168 38.39 -29.41 27.21
CA LYS B 168 38.67 -30.24 26.04
C LYS B 168 37.45 -31.08 25.67
N SER B 169 36.74 -31.60 26.66
CA SER B 169 35.44 -32.23 26.42
C SER B 169 34.50 -31.30 25.66
N GLY B 170 34.66 -30.00 25.84
CA GLY B 170 33.74 -29.04 25.27
C GLY B 170 32.37 -29.02 25.89
N ASN B 171 32.08 -29.93 26.83
CA ASN B 171 30.76 -29.98 27.44
C ASN B 171 30.58 -28.93 28.53
N THR B 172 31.66 -28.37 29.05
CA THR B 172 31.60 -27.34 30.08
C THR B 172 32.27 -26.08 29.54
N VAL B 173 31.60 -24.94 29.74
CA VAL B 173 32.08 -23.66 29.24
C VAL B 173 32.29 -22.74 30.44
N VAL B 174 33.18 -21.77 30.27
CA VAL B 174 33.43 -20.74 31.26
C VAL B 174 33.10 -19.38 30.66
N CYS B 175 32.34 -18.56 31.37
CA CYS B 175 32.23 -17.15 31.06
C CYS B 175 32.93 -16.34 32.15
N ALA B 176 33.63 -15.29 31.73
CA ALA B 176 34.12 -14.29 32.65
C ALA B 176 32.96 -13.41 33.11
N VAL B 177 32.98 -13.03 34.37
CA VAL B 177 31.89 -12.28 34.96
C VAL B 177 32.45 -11.02 35.61
N GLN B 178 31.57 -10.06 35.85
CA GLN B 178 31.98 -8.80 36.44
C GLN B 178 31.46 -8.65 37.87
N ALA B 179 32.33 -8.17 38.75
CA ALA B 179 31.98 -7.91 40.15
C ALA B 179 31.84 -6.41 40.38
N HIS C 6 -7.72 12.36 -12.41
CA HIS C 6 -9.13 12.62 -11.99
C HIS C 6 -9.98 11.37 -12.22
N ALA C 7 -10.96 11.14 -11.34
CA ALA C 7 -11.81 9.95 -11.45
C ALA C 7 -12.61 10.04 -12.76
N PRO C 8 -12.52 9.05 -13.65
CA PRO C 8 -13.21 9.11 -14.95
C PRO C 8 -14.71 8.98 -14.79
N PRO C 9 -15.50 9.45 -15.77
CA PRO C 9 -16.96 9.34 -15.65
C PRO C 9 -17.45 7.91 -15.41
N THR C 10 -16.83 6.90 -16.03
CA THR C 10 -17.30 5.53 -15.77
C THR C 10 -17.06 5.10 -14.33
N LEU C 11 -16.05 5.68 -13.66
CA LEU C 11 -15.83 5.37 -12.25
C LEU C 11 -16.94 5.97 -11.39
N TRP C 12 -17.33 7.20 -11.70
CA TRP C 12 -18.49 7.78 -11.06
C TRP C 12 -19.77 7.01 -11.38
N SER C 13 -19.85 6.43 -12.59
CA SER C 13 -21.06 5.69 -12.95
C SER C 13 -21.23 4.43 -12.13
N ARG C 14 -20.18 3.99 -11.43
CA ARG C 14 -20.30 2.85 -10.52
C ARG C 14 -20.96 3.22 -9.21
N VAL C 15 -21.05 4.52 -8.91
CA VAL C 15 -21.66 4.98 -7.66
C VAL C 15 -23.17 5.06 -7.86
N THR C 16 -23.90 4.31 -7.04
CA THR C 16 -25.30 3.98 -7.30
C THR C 16 -26.11 4.25 -6.04
N LYS C 17 -27.22 4.96 -6.19
CA LYS C 17 -28.10 5.21 -5.06
C LYS C 17 -28.64 3.88 -4.55
N PHE C 18 -28.65 3.71 -3.23
CA PHE C 18 -28.93 2.39 -2.66
C PHE C 18 -29.40 2.55 -1.23
N GLY C 19 -30.63 2.13 -0.96
CA GLY C 19 -31.15 2.22 0.39
C GLY C 19 -31.02 3.62 0.96
N SER C 20 -30.43 3.70 2.16
CA SER C 20 -30.22 4.93 2.90
C SER C 20 -29.05 5.75 2.40
N GLY C 21 -28.34 5.27 1.38
CA GLY C 21 -27.16 5.94 0.92
C GLY C 21 -26.75 5.48 -0.47
N TRP C 22 -25.58 4.89 -0.56
CA TRP C 22 -25.01 4.56 -1.86
C TRP C 22 -24.28 3.22 -1.81
N GLY C 23 -24.02 2.70 -3.00
CA GLY C 23 -23.18 1.53 -3.17
C GLY C 23 -22.30 1.72 -4.39
N PHE C 24 -21.44 0.74 -4.64
CA PHE C 24 -20.42 0.85 -5.69
C PHE C 24 -20.31 -0.47 -6.42
N TRP C 25 -20.35 -0.43 -7.76
CA TRP C 25 -20.09 -1.63 -8.57
C TRP C 25 -18.58 -1.78 -8.74
N VAL C 26 -18.01 -2.81 -8.11
CA VAL C 26 -16.61 -3.15 -8.27
C VAL C 26 -16.39 -3.88 -9.59
N SER C 27 -17.39 -4.62 -10.03
CA SER C 27 -17.30 -5.41 -11.25
C SER C 27 -18.70 -5.64 -11.78
N PRO C 28 -18.87 -6.29 -12.92
CA PRO C 28 -20.25 -6.53 -13.42
C PRO C 28 -21.09 -7.32 -12.45
N THR C 29 -20.47 -8.08 -11.54
CA THR C 29 -21.27 -8.90 -10.62
C THR C 29 -21.08 -8.57 -9.14
N VAL C 30 -20.24 -7.62 -8.77
CA VAL C 30 -19.95 -7.36 -7.37
C VAL C 30 -20.29 -5.92 -7.00
N PHE C 31 -21.14 -5.78 -5.99
CA PHE C 31 -21.60 -4.50 -5.47
C PHE C 31 -21.25 -4.41 -4.00
N ILE C 32 -20.69 -3.28 -3.58
CA ILE C 32 -20.31 -3.11 -2.18
C ILE C 32 -21.00 -1.88 -1.58
N THR C 33 -21.27 -1.94 -0.28
CA THR C 33 -21.81 -0.79 0.43
C THR C 33 -21.53 -0.95 1.93
N THR C 34 -21.96 0.04 2.72
CA THR C 34 -21.89 -0.04 4.17
C THR C 34 -23.17 -0.67 4.67
N THR C 35 -23.02 -1.59 5.62
CA THR C 35 -24.16 -2.40 6.04
C THR C 35 -25.35 -1.56 6.48
N HIS C 36 -25.13 -0.45 7.18
CA HIS C 36 -26.26 0.21 7.81
C HIS C 36 -27.17 0.94 6.81
N VAL C 37 -26.78 1.05 5.53
CA VAL C 37 -27.69 1.65 4.55
C VAL C 37 -28.52 0.62 3.80
N VAL C 38 -28.32 -0.66 4.05
CA VAL C 38 -29.05 -1.71 3.31
C VAL C 38 -30.48 -1.78 3.83
N PRO C 39 -31.49 -1.89 2.94
CA PRO C 39 -32.88 -2.10 3.39
C PRO C 39 -33.03 -3.39 4.20
N VAL C 42 -36.97 -6.60 2.41
CA VAL C 42 -36.76 -6.80 0.97
C VAL C 42 -36.34 -8.25 0.70
N LYS C 43 -36.73 -8.80 -0.44
CA LYS C 43 -36.21 -10.10 -0.86
C LYS C 43 -35.63 -10.07 -2.28
N GLU C 44 -35.59 -8.90 -2.94
CA GLU C 44 -34.89 -8.77 -4.22
C GLU C 44 -33.99 -7.55 -4.19
N PHE C 45 -32.88 -7.65 -4.91
CA PHE C 45 -31.92 -6.55 -5.08
C PHE C 45 -31.64 -6.41 -6.57
N PHE C 46 -31.89 -5.23 -7.12
CA PHE C 46 -31.67 -4.99 -8.55
C PHE C 46 -32.36 -6.07 -9.38
N GLY C 47 -33.57 -6.44 -8.98
CA GLY C 47 -34.33 -7.43 -9.72
C GLY C 47 -33.87 -8.86 -9.58
N GLU C 48 -33.06 -9.15 -8.57
CA GLU C 48 -32.55 -10.49 -8.33
C GLU C 48 -32.96 -10.99 -6.95
N PRO C 49 -33.42 -12.24 -6.84
CA PRO C 49 -33.83 -12.76 -5.52
C PRO C 49 -32.63 -13.06 -4.63
N LEU C 50 -32.83 -12.86 -3.32
CA LEU C 50 -31.72 -12.98 -2.39
C LEU C 50 -31.06 -14.35 -2.47
N SER C 51 -31.83 -15.39 -2.82
CA SER C 51 -31.26 -16.73 -2.92
C SER C 51 -30.33 -16.88 -4.12
N SER C 52 -30.26 -15.89 -5.01
CA SER C 52 -29.33 -15.91 -6.13
C SER C 52 -28.19 -14.92 -5.93
N ILE C 53 -28.00 -14.41 -4.71
CA ILE C 53 -26.97 -13.44 -4.38
C ILE C 53 -26.16 -13.97 -3.20
N ALA C 54 -24.84 -13.97 -3.34
CA ALA C 54 -23.95 -14.30 -2.23
C ALA C 54 -23.64 -13.02 -1.46
N ILE C 55 -24.07 -12.98 -0.19
CA ILE C 55 -24.00 -11.76 0.62
C ILE C 55 -23.04 -12.01 1.77
N HIS C 56 -22.00 -11.18 1.85
CA HIS C 56 -21.02 -11.24 2.93
C HIS C 56 -21.04 -9.89 3.64
N GLN C 57 -21.28 -9.92 4.95
CA GLN C 57 -21.33 -8.70 5.75
C GLN C 57 -20.50 -8.90 7.01
N ALA C 58 -19.56 -7.99 7.27
CA ALA C 58 -18.82 -8.05 8.53
C ALA C 58 -18.20 -6.70 8.81
N GLY C 59 -18.32 -6.24 10.05
CA GLY C 59 -17.71 -4.99 10.46
C GLY C 59 -18.18 -3.77 9.71
N GLU C 60 -19.44 -3.76 9.28
CA GLU C 60 -20.10 -2.66 8.55
C GLU C 60 -19.73 -2.61 7.07
N PHE C 61 -19.02 -3.61 6.56
CA PHE C 61 -18.74 -3.76 5.14
C PHE C 61 -19.67 -4.84 4.60
N THR C 62 -20.42 -4.51 3.55
CA THR C 62 -21.31 -5.45 2.89
C THR C 62 -20.90 -5.64 1.44
N GLN C 63 -20.84 -6.90 1.00
CA GLN C 63 -20.53 -7.22 -0.39
C GLN C 63 -21.58 -8.17 -0.94
N PHE C 64 -22.16 -7.80 -2.08
CA PHE C 64 -23.08 -8.66 -2.81
C PHE C 64 -22.37 -9.22 -4.03
N ARG C 65 -22.52 -10.53 -4.28
CA ARG C 65 -22.02 -11.12 -5.52
C ARG C 65 -23.21 -11.76 -6.23
N PHE C 66 -23.57 -11.23 -7.39
CA PHE C 66 -24.74 -11.65 -8.15
C PHE C 66 -24.40 -12.80 -9.07
N SER C 67 -25.43 -13.59 -9.40
CA SER C 67 -25.29 -14.77 -10.23
C SER C 67 -25.26 -14.45 -11.72
N LYS C 68 -25.55 -13.21 -12.10
CA LYS C 68 -25.48 -12.78 -13.49
C LYS C 68 -24.81 -11.42 -13.57
N LYS C 69 -24.33 -11.09 -14.76
CA LYS C 69 -23.72 -9.78 -14.99
C LYS C 69 -24.77 -8.69 -14.88
N MET C 70 -24.61 -7.83 -13.88
CA MET C 70 -25.52 -6.71 -13.68
C MET C 70 -25.06 -5.46 -14.42
N ARG C 71 -23.75 -5.23 -14.48
CA ARG C 71 -23.18 -4.07 -15.15
C ARG C 71 -22.14 -4.60 -16.12
N PRO C 72 -22.56 -5.30 -17.18
CA PRO C 72 -21.59 -5.92 -18.10
C PRO C 72 -20.72 -4.92 -18.81
N ASP C 73 -21.11 -3.64 -18.80
CA ASP C 73 -20.32 -2.56 -19.35
C ASP C 73 -19.05 -2.28 -18.55
N LEU C 74 -18.98 -2.74 -17.31
CA LEU C 74 -17.86 -2.38 -16.45
C LEU C 74 -16.73 -3.41 -16.50
N THR C 75 -15.49 -2.91 -16.45
CA THR C 75 -14.34 -3.75 -16.12
C THR C 75 -14.29 -4.06 -14.62
N GLY C 76 -13.64 -5.17 -14.29
CA GLY C 76 -13.45 -5.53 -12.89
C GLY C 76 -12.35 -4.70 -12.25
N MET C 77 -12.62 -4.19 -11.07
CA MET C 77 -11.66 -3.38 -10.34
C MET C 77 -11.04 -4.18 -9.20
N VAL C 78 -9.87 -3.72 -8.76
CA VAL C 78 -9.29 -4.28 -7.56
C VAL C 78 -9.99 -3.69 -6.35
N LEU C 79 -10.45 -4.54 -5.44
CA LEU C 79 -10.92 -4.15 -4.11
C LEU C 79 -9.82 -4.49 -3.13
N GLU C 80 -9.19 -3.47 -2.56
CA GLU C 80 -8.08 -3.69 -1.62
C GLU C 80 -8.62 -4.09 -0.25
N GLU C 81 -7.70 -4.56 0.60
CA GLU C 81 -7.99 -4.81 2.02
C GLU C 81 -7.59 -3.54 2.75
N GLY C 82 -8.45 -2.54 2.68
CA GLY C 82 -8.16 -1.26 3.31
C GLY C 82 -7.38 -0.32 2.40
N CYS C 83 -7.45 0.95 2.74
CA CYS C 83 -6.75 1.98 2.00
C CYS C 83 -5.30 2.08 2.47
N PRO C 84 -4.42 2.56 1.60
CA PRO C 84 -2.99 2.70 1.99
C PRO C 84 -2.79 3.83 2.98
N GLU C 85 -2.35 3.48 4.18
CA GLU C 85 -2.07 4.50 5.20
C GLU C 85 -1.09 5.52 4.64
N GLY C 86 -1.37 6.80 4.88
CA GLY C 86 -0.54 7.89 4.41
C GLY C 86 -0.90 8.41 3.02
N THR C 87 -1.46 7.56 2.16
CA THR C 87 -1.85 8.01 0.82
C THR C 87 -3.10 8.87 0.88
N VAL C 88 -3.22 9.78 -0.07
CA VAL C 88 -4.44 10.58 -0.21
C VAL C 88 -5.39 9.84 -1.15
N CYS C 89 -6.55 9.48 -0.62
CA CYS C 89 -7.60 8.89 -1.43
C CYS C 89 -8.69 9.93 -1.73
N SER C 90 -9.62 9.55 -2.60
CA SER C 90 -10.77 10.39 -2.92
C SER C 90 -12.02 9.64 -2.51
N VAL C 91 -12.95 10.34 -1.85
CA VAL C 91 -14.26 9.80 -1.54
C VAL C 91 -15.19 10.30 -2.62
N LEU C 92 -15.81 9.38 -3.37
CA LEU C 92 -16.65 9.75 -4.51
C LEU C 92 -18.08 9.99 -4.04
N ILE C 93 -18.29 11.19 -3.50
CA ILE C 93 -19.59 11.56 -2.96
C ILE C 93 -20.49 12.04 -4.09
N LYS C 94 -21.64 11.40 -4.25
CA LYS C 94 -22.74 11.91 -5.06
C LYS C 94 -23.78 12.49 -4.12
N ARG C 95 -24.37 13.60 -4.50
CA ARG C 95 -25.50 14.20 -3.79
C ARG C 95 -26.76 14.00 -4.63
N ASP C 96 -27.90 13.90 -3.95
CA ASP C 96 -29.14 13.56 -4.64
C ASP C 96 -29.56 14.61 -5.66
N SER C 97 -29.01 15.83 -5.57
CA SER C 97 -29.24 16.81 -6.63
C SER C 97 -28.61 16.40 -7.95
N GLY C 98 -27.60 15.52 -7.89
CA GLY C 98 -26.81 15.17 -9.04
C GLY C 98 -25.37 15.67 -8.97
N GLU C 99 -25.11 16.59 -8.05
CA GLU C 99 -23.76 17.12 -7.91
C GLU C 99 -22.78 16.02 -7.49
N LEU C 100 -21.59 16.06 -8.08
CA LEU C 100 -20.48 15.21 -7.70
C LEU C 100 -19.54 16.02 -6.82
N LEU C 101 -19.21 15.51 -5.62
CA LEU C 101 -18.25 16.21 -4.76
C LEU C 101 -17.18 15.24 -4.30
N PRO C 102 -16.10 15.10 -5.05
CA PRO C 102 -14.98 14.27 -4.57
C PRO C 102 -14.24 14.97 -3.42
N LEU C 103 -14.02 14.23 -2.34
CA LEU C 103 -13.32 14.75 -1.17
C LEU C 103 -11.98 14.04 -1.08
N ALA C 104 -10.91 14.80 -0.86
CA ALA C 104 -9.58 14.22 -0.71
C ALA C 104 -9.33 13.94 0.76
N VAL C 105 -8.78 12.77 1.03
CA VAL C 105 -8.65 12.27 2.40
C VAL C 105 -7.30 11.58 2.53
N ARG C 106 -6.54 11.99 3.55
CA ARG C 106 -5.30 11.30 3.89
C ARG C 106 -5.65 10.19 4.86
N MET C 107 -5.45 8.94 4.45
CA MET C 107 -5.89 7.82 5.26
C MET C 107 -4.95 7.60 6.44
N GLY C 108 -5.52 7.24 7.58
CA GLY C 108 -4.75 6.79 8.73
C GLY C 108 -4.74 5.28 8.83
N ALA C 109 -4.60 4.78 10.06
CA ALA C 109 -4.36 3.36 10.26
C ALA C 109 -5.67 2.57 10.27
N ILE C 110 -5.59 1.31 9.83
CA ILE C 110 -6.74 0.42 9.90
C ILE C 110 -6.87 -0.09 11.33
N ALA C 111 -8.09 -0.05 11.86
CA ALA C 111 -8.32 -0.57 13.19
C ALA C 111 -9.79 -0.90 13.32
N SER C 112 -10.09 -1.83 14.22
CA SER C 112 -11.48 -2.06 14.64
C SER C 112 -11.81 -1.05 15.74
N MET C 113 -13.03 -0.51 15.67
CA MET C 113 -13.47 0.56 16.55
C MET C 113 -14.97 0.45 16.70
N ARG C 114 -15.49 0.89 17.84
CA ARG C 114 -16.93 0.87 18.07
C ARG C 114 -17.51 2.26 17.79
N ILE C 115 -18.55 2.31 16.96
CA ILE C 115 -19.22 3.56 16.60
C ILE C 115 -20.71 3.38 16.82
N GLN C 116 -21.29 4.23 17.66
CA GLN C 116 -22.69 4.12 18.10
C GLN C 116 -23.05 2.66 18.35
N GLY C 117 -22.20 1.99 19.14
CA GLY C 117 -22.46 0.64 19.60
C GLY C 117 -22.27 -0.47 18.58
N ARG C 118 -21.74 -0.18 17.40
CA ARG C 118 -21.50 -1.18 16.38
C ARG C 118 -20.00 -1.31 16.18
N LEU C 119 -19.52 -2.54 16.03
CA LEU C 119 -18.11 -2.76 15.75
C LEU C 119 -17.87 -2.56 14.26
N VAL C 120 -17.00 -1.60 13.94
CA VAL C 120 -16.66 -1.26 12.55
C VAL C 120 -15.22 -1.70 12.31
N HIS C 121 -15.02 -2.54 11.28
CA HIS C 121 -13.65 -2.85 10.84
C HIS C 121 -13.32 -1.79 9.80
N GLY C 122 -12.52 -0.82 10.19
CA GLY C 122 -12.53 0.42 9.43
C GLY C 122 -11.22 1.13 9.53
N GLN C 123 -11.19 2.35 8.99
CA GLN C 123 -9.97 3.12 8.84
C GLN C 123 -10.33 4.60 8.94
N SER C 124 -9.59 5.36 9.73
CA SER C 124 -9.75 6.80 9.84
C SER C 124 -8.96 7.52 8.74
N GLY C 125 -9.40 8.75 8.45
CA GLY C 125 -8.63 9.63 7.59
C GLY C 125 -8.91 11.10 7.84
N MET C 126 -7.99 11.90 7.39
CA MET C 126 -8.09 13.32 7.53
C MET C 126 -8.66 13.91 6.28
N LEU C 127 -9.64 14.80 6.48
CA LEU C 127 -10.25 15.51 5.38
C LEU C 127 -9.31 16.63 4.98
N LEU C 128 -9.03 16.74 3.68
CA LEU C 128 -8.20 17.86 3.19
C LEU C 128 -9.03 18.88 2.39
N LEU C 138 -18.27 21.58 2.67
CA LEU C 138 -17.47 20.61 1.92
C LEU C 138 -17.16 19.36 2.76
N GLY C 139 -17.94 19.16 3.83
CA GLY C 139 -17.84 17.94 4.60
C GLY C 139 -18.80 16.87 4.11
N THR C 140 -18.77 15.74 4.79
CA THR C 140 -19.73 14.67 4.53
C THR C 140 -20.97 14.89 5.39
N ILE C 141 -22.09 14.36 4.91
CA ILE C 141 -23.38 14.59 5.57
C ILE C 141 -24.19 13.30 5.62
N PRO C 142 -25.26 13.23 6.42
CA PRO C 142 -26.13 12.04 6.37
C PRO C 142 -26.68 11.87 4.97
N GLY C 143 -26.76 10.62 4.54
CA GLY C 143 -27.08 10.30 3.17
C GLY C 143 -25.87 9.92 2.34
N ASP C 144 -24.67 10.25 2.79
CA ASP C 144 -23.43 10.02 2.05
C ASP C 144 -22.85 8.61 2.26
N CYS C 145 -23.42 7.79 3.13
CA CYS C 145 -22.75 6.56 3.48
C CYS C 145 -22.88 5.54 2.36
N GLY C 146 -21.84 4.73 2.20
CA GLY C 146 -21.67 3.81 1.11
C GLY C 146 -20.79 4.35 0.01
N ALA C 147 -20.51 5.65 0.01
CA ALA C 147 -19.70 6.24 -1.04
C ALA C 147 -18.30 5.62 -0.99
N PRO C 148 -17.70 5.32 -2.15
CA PRO C 148 -16.43 4.61 -2.16
C PRO C 148 -15.24 5.52 -1.95
N TYR C 149 -14.24 4.94 -1.29
CA TYR C 149 -12.92 5.52 -1.13
C TYR C 149 -12.05 4.86 -2.18
N VAL C 150 -11.41 5.65 -3.06
CA VAL C 150 -10.67 5.11 -4.18
C VAL C 150 -9.35 5.85 -4.32
N HIS C 151 -8.42 5.23 -5.05
CA HIS C 151 -7.19 5.92 -5.43
C HIS C 151 -6.65 5.22 -6.67
N LYS C 152 -5.85 5.96 -7.43
CA LYS C 152 -5.29 5.44 -8.66
C LYS C 152 -3.94 4.83 -8.31
N ARG C 153 -3.84 3.51 -8.43
CA ARG C 153 -2.66 2.75 -8.04
C ARG C 153 -1.95 2.39 -9.34
N GLY C 154 -0.92 3.14 -9.68
CA GLY C 154 -0.26 2.94 -10.96
C GLY C 154 -1.22 3.20 -12.11
N ASN C 155 -1.52 2.15 -12.87
CA ASN C 155 -2.32 2.29 -14.09
C ASN C 155 -3.81 2.05 -13.88
N ASP C 156 -4.24 1.67 -12.68
CA ASP C 156 -5.61 1.23 -12.47
C ASP C 156 -6.20 1.84 -11.20
N TRP C 157 -7.46 2.26 -11.30
CA TRP C 157 -8.21 2.67 -10.12
C TRP C 157 -8.52 1.45 -9.25
N VAL C 158 -8.38 1.63 -7.94
CA VAL C 158 -8.78 0.62 -6.98
C VAL C 158 -9.67 1.24 -5.92
N VAL C 159 -10.50 0.40 -5.34
CA VAL C 159 -11.44 0.82 -4.30
C VAL C 159 -11.02 0.13 -3.01
N CYS C 160 -11.07 0.86 -1.90
CA CYS C 160 -10.56 0.29 -0.65
C CYS C 160 -11.49 0.45 0.53
N GLY C 161 -12.58 1.19 0.41
CA GLY C 161 -13.46 1.33 1.55
C GLY C 161 -14.77 1.98 1.11
N VAL C 162 -15.73 1.96 2.04
CA VAL C 162 -17.03 2.59 1.86
C VAL C 162 -17.28 3.50 3.05
N HIS C 163 -17.87 4.67 2.78
CA HIS C 163 -18.00 5.68 3.82
C HIS C 163 -18.96 5.22 4.91
N ALA C 164 -18.56 5.38 6.17
CA ALA C 164 -19.40 4.91 7.28
C ALA C 164 -19.73 5.97 8.33
N ALA C 165 -18.82 6.87 8.64
CA ALA C 165 -19.06 7.79 9.75
C ALA C 165 -18.15 9.01 9.60
N ALA C 166 -18.42 10.03 10.41
CA ALA C 166 -17.56 11.19 10.46
C ALA C 166 -17.62 11.78 11.86
N THR C 167 -16.48 12.31 12.32
CA THR C 167 -16.44 12.92 13.64
C THR C 167 -17.32 14.17 13.68
N LYS C 168 -17.63 14.62 14.90
CA LYS C 168 -18.56 15.73 15.08
C LYS C 168 -18.09 16.97 14.33
N SER C 169 -16.79 17.27 14.38
CA SER C 169 -16.27 18.40 13.62
C SER C 169 -16.33 18.18 12.12
N GLY C 170 -16.45 16.93 11.68
CA GLY C 170 -16.42 16.62 10.26
C GLY C 170 -15.04 16.47 9.66
N ASN C 171 -13.98 16.77 10.42
CA ASN C 171 -12.64 16.80 9.86
C ASN C 171 -11.99 15.43 9.74
N THR C 172 -12.49 14.42 10.45
CA THR C 172 -12.03 13.06 10.29
C THR C 172 -13.22 12.20 9.87
N VAL C 173 -12.99 11.32 8.88
CA VAL C 173 -14.00 10.41 8.38
C VAL C 173 -13.53 8.98 8.65
N VAL C 174 -14.48 8.06 8.65
CA VAL C 174 -14.19 6.63 8.78
C VAL C 174 -14.83 5.89 7.61
N CYS C 175 -14.05 5.03 6.97
CA CYS C 175 -14.58 4.09 5.98
C CYS C 175 -14.49 2.68 6.53
N ALA C 176 -15.47 1.86 6.17
CA ALA C 176 -15.41 0.43 6.47
C ALA C 176 -14.58 -0.25 5.39
N VAL C 177 -13.87 -1.30 5.78
CA VAL C 177 -12.96 -2.01 4.89
C VAL C 177 -13.23 -3.51 4.98
N GLN C 178 -12.80 -4.23 3.96
CA GLN C 178 -12.97 -5.67 3.93
C GLN C 178 -11.63 -6.32 4.22
N ALA C 179 -11.68 -7.47 4.88
CA ALA C 179 -10.44 -8.16 5.27
C ALA C 179 -10.08 -9.25 4.27
N HIS D 6 -14.08 14.27 -25.24
CA HIS D 6 -14.23 13.44 -24.00
C HIS D 6 -14.90 14.25 -22.89
N ALA D 7 -16.15 13.91 -22.58
CA ALA D 7 -16.93 14.70 -21.62
C ALA D 7 -16.46 14.44 -20.19
N PRO D 8 -16.25 15.48 -19.39
CA PRO D 8 -15.80 15.27 -18.00
C PRO D 8 -16.97 14.92 -17.09
N PRO D 9 -16.68 14.43 -15.88
CA PRO D 9 -17.79 13.96 -15.02
C PRO D 9 -18.84 15.01 -14.72
N THR D 10 -18.45 16.27 -14.53
CA THR D 10 -19.43 17.30 -14.23
C THR D 10 -20.41 17.49 -15.39
N LEU D 11 -19.94 17.38 -16.63
CA LEU D 11 -20.86 17.45 -17.78
C LEU D 11 -21.90 16.33 -17.70
N TRP D 12 -21.44 15.12 -17.38
CA TRP D 12 -22.35 13.99 -17.19
C TRP D 12 -23.32 14.23 -16.04
N SER D 13 -22.84 14.89 -14.97
CA SER D 13 -23.71 15.12 -13.81
C SER D 13 -24.87 16.03 -14.12
N ARG D 14 -24.82 16.73 -15.25
CA ARG D 14 -25.95 17.55 -15.66
C ARG D 14 -27.10 16.72 -16.22
N VAL D 15 -26.84 15.49 -16.63
CA VAL D 15 -27.88 14.67 -17.22
C VAL D 15 -28.68 14.02 -16.10
N THR D 16 -30.00 14.22 -16.13
CA THR D 16 -30.85 13.96 -14.98
C THR D 16 -32.06 13.13 -15.36
N LYS D 17 -32.26 12.01 -14.66
CA LYS D 17 -33.48 11.25 -14.87
C LYS D 17 -34.69 12.17 -14.71
N PHE D 18 -35.65 12.06 -15.65
CA PHE D 18 -36.76 13.02 -15.66
C PHE D 18 -37.93 12.42 -16.44
N GLY D 19 -39.02 12.14 -15.74
CA GLY D 19 -40.18 11.54 -16.40
C GLY D 19 -39.84 10.20 -17.02
N SER D 20 -40.29 10.00 -18.25
CA SER D 20 -40.03 8.78 -19.00
C SER D 20 -38.70 8.85 -19.75
N GLY D 21 -37.86 9.84 -19.44
CA GLY D 21 -36.56 9.96 -20.06
C GLY D 21 -35.58 10.76 -19.22
N TRP D 22 -34.99 11.80 -19.82
CA TRP D 22 -33.88 12.53 -19.21
C TRP D 22 -34.04 14.01 -19.51
N GLY D 23 -33.23 14.80 -18.80
CA GLY D 23 -33.08 16.22 -19.06
C GLY D 23 -31.68 16.65 -18.70
N PHE D 24 -31.41 17.93 -18.93
CA PHE D 24 -30.06 18.46 -18.82
C PHE D 24 -30.05 19.84 -18.18
N TRP D 25 -29.22 19.98 -17.12
CA TRP D 25 -28.99 21.27 -16.49
C TRP D 25 -28.05 22.07 -17.39
N VAL D 26 -28.59 23.08 -18.08
CA VAL D 26 -27.72 23.96 -18.88
C VAL D 26 -26.96 24.91 -17.95
N SER D 27 -27.51 25.21 -16.80
CA SER D 27 -26.99 26.21 -15.88
C SER D 27 -27.66 25.94 -14.53
N PRO D 28 -27.32 26.69 -13.47
CA PRO D 28 -27.99 26.45 -12.19
C PRO D 28 -29.49 26.63 -12.22
N THR D 29 -30.03 27.37 -13.18
CA THR D 29 -31.44 27.68 -13.18
C THR D 29 -32.21 27.14 -14.38
N VAL D 30 -31.53 26.59 -15.38
CA VAL D 30 -32.16 26.22 -16.64
C VAL D 30 -31.99 24.73 -16.88
N PHE D 31 -33.13 24.07 -17.14
CA PHE D 31 -33.25 22.63 -17.37
C PHE D 31 -33.93 22.45 -18.72
N ILE D 32 -33.38 21.58 -19.57
CA ILE D 32 -34.00 21.35 -20.85
C ILE D 32 -34.31 19.87 -21.01
N THR D 33 -35.37 19.56 -21.74
CA THR D 33 -35.73 18.16 -22.01
C THR D 33 -36.59 18.14 -23.27
N THR D 34 -37.02 16.95 -23.68
CA THR D 34 -37.98 16.80 -24.77
C THR D 34 -39.38 16.71 -24.21
N THR D 35 -40.31 17.43 -24.85
CA THR D 35 -41.64 17.63 -24.28
C THR D 35 -42.32 16.30 -23.96
N HIS D 36 -42.17 15.30 -24.83
CA HIS D 36 -42.97 14.10 -24.64
C HIS D 36 -42.52 13.25 -23.46
N VAL D 37 -41.39 13.57 -22.83
CA VAL D 37 -41.00 12.82 -21.63
C VAL D 37 -41.43 13.52 -20.34
N VAL D 38 -41.99 14.73 -20.41
CA VAL D 38 -42.35 15.48 -19.23
C VAL D 38 -43.64 14.89 -18.64
N PRO D 39 -43.68 14.57 -17.35
CA PRO D 39 -44.91 14.02 -16.78
C PRO D 39 -46.07 14.99 -16.95
N THR D 40 -47.26 14.43 -17.21
CA THR D 40 -48.44 15.25 -17.40
C THR D 40 -49.09 15.59 -16.06
N GLY D 41 -49.70 16.77 -16.01
CA GLY D 41 -50.58 17.16 -14.93
C GLY D 41 -49.93 17.56 -13.62
N VAL D 42 -48.61 17.53 -13.52
CA VAL D 42 -47.95 17.80 -12.25
C VAL D 42 -48.09 19.28 -11.89
N LYS D 43 -47.85 19.56 -10.61
CA LYS D 43 -47.87 20.93 -10.10
C LYS D 43 -46.52 21.37 -9.53
N GLU D 44 -45.51 20.50 -9.53
CA GLU D 44 -44.17 20.89 -9.13
C GLU D 44 -43.15 20.18 -10.00
N PHE D 45 -41.96 20.77 -10.09
CA PHE D 45 -40.80 20.14 -10.71
C PHE D 45 -39.61 20.29 -9.78
N PHE D 46 -38.94 19.19 -9.45
CA PHE D 46 -37.81 19.25 -8.52
C PHE D 46 -38.20 19.98 -7.23
N GLY D 47 -39.43 19.75 -6.80
CA GLY D 47 -39.91 20.35 -5.58
C GLY D 47 -40.22 21.82 -5.66
N GLU D 48 -40.42 22.37 -6.86
CA GLU D 48 -40.77 23.78 -7.01
C GLU D 48 -42.11 23.92 -7.71
N PRO D 49 -43.01 24.76 -7.22
CA PRO D 49 -44.33 24.89 -7.86
C PRO D 49 -44.22 25.51 -9.24
N LEU D 50 -45.12 25.08 -10.13
CA LEU D 50 -45.20 25.66 -11.46
C LEU D 50 -45.21 27.19 -11.38
N SER D 51 -45.89 27.71 -10.37
CA SER D 51 -45.94 29.13 -10.04
C SER D 51 -44.60 29.82 -10.18
N SER D 52 -43.51 29.14 -9.83
CA SER D 52 -42.20 29.76 -9.78
C SER D 52 -41.32 29.40 -10.96
N ILE D 53 -41.82 28.66 -11.94
CA ILE D 53 -41.02 28.23 -13.07
C ILE D 53 -41.56 28.86 -14.34
N ALA D 54 -40.66 29.45 -15.13
CA ALA D 54 -40.98 29.90 -16.48
C ALA D 54 -40.75 28.72 -17.42
N ILE D 55 -41.82 28.25 -18.07
CA ILE D 55 -41.77 27.07 -18.93
C ILE D 55 -42.05 27.52 -20.36
N HIS D 56 -41.17 27.12 -21.27
CA HIS D 56 -41.37 27.35 -22.69
C HIS D 56 -41.24 26.02 -23.42
N GLN D 57 -42.24 25.71 -24.26
CA GLN D 57 -42.27 24.45 -24.98
C GLN D 57 -42.72 24.72 -26.40
N ALA D 58 -41.89 24.36 -27.37
CA ALA D 58 -42.24 24.44 -28.78
C ALA D 58 -41.52 23.32 -29.52
N GLY D 59 -42.21 22.68 -30.44
CA GLY D 59 -41.58 21.73 -31.35
C GLY D 59 -40.85 20.60 -30.65
N GLU D 60 -41.39 20.13 -29.53
CA GLU D 60 -40.86 19.06 -28.70
C GLU D 60 -39.59 19.45 -27.95
N PHE D 61 -39.26 20.73 -27.90
CA PHE D 61 -38.19 21.23 -27.05
C PHE D 61 -38.83 21.94 -25.85
N THR D 62 -38.49 21.50 -24.64
CA THR D 62 -39.02 22.07 -23.39
C THR D 62 -37.88 22.67 -22.57
N GLN D 63 -38.05 23.91 -22.14
CA GLN D 63 -37.06 24.60 -21.33
C GLN D 63 -37.73 25.10 -20.06
N PHE D 64 -37.11 24.81 -18.91
CA PHE D 64 -37.55 25.26 -17.61
C PHE D 64 -36.57 26.31 -17.10
N ARG D 65 -37.08 27.46 -16.64
CA ARG D 65 -36.25 28.45 -15.97
C ARG D 65 -36.72 28.64 -14.53
N PHE D 66 -35.92 28.18 -13.56
CA PHE D 66 -36.30 28.20 -12.16
C PHE D 66 -35.96 29.56 -11.54
N SER D 67 -36.69 29.88 -10.47
CA SER D 67 -36.48 31.13 -9.75
C SER D 67 -35.35 31.02 -8.72
N LYS D 68 -34.95 29.79 -8.40
CA LYS D 68 -33.91 29.48 -7.44
C LYS D 68 -32.79 28.73 -8.14
N LYS D 69 -31.55 28.93 -7.66
CA LYS D 69 -30.43 28.13 -8.14
C LYS D 69 -30.63 26.68 -7.72
N MET D 70 -30.95 25.84 -8.69
CA MET D 70 -31.20 24.41 -8.47
C MET D 70 -29.91 23.59 -8.45
N ARG D 71 -28.92 23.97 -9.23
CA ARG D 71 -27.64 23.29 -9.30
C ARG D 71 -26.55 24.34 -9.20
N PRO D 72 -26.37 24.93 -8.02
CA PRO D 72 -25.41 26.04 -7.89
C PRO D 72 -23.97 25.61 -8.12
N ASP D 73 -23.71 24.31 -8.12
CA ASP D 73 -22.39 23.81 -8.45
C ASP D 73 -22.01 24.05 -9.91
N LEU D 74 -22.98 24.21 -10.80
CA LEU D 74 -22.69 24.22 -12.23
C LEU D 74 -22.36 25.62 -12.75
N THR D 75 -21.52 25.64 -13.77
CA THR D 75 -21.33 26.84 -14.60
C THR D 75 -22.35 26.81 -15.73
N GLY D 76 -22.90 27.98 -16.07
CA GLY D 76 -23.82 28.04 -17.20
C GLY D 76 -23.08 27.81 -18.50
N MET D 77 -23.68 26.98 -19.37
CA MET D 77 -23.10 26.76 -20.69
C MET D 77 -24.00 27.32 -21.79
N VAL D 78 -23.42 27.45 -22.98
CA VAL D 78 -24.15 28.00 -24.12
C VAL D 78 -25.15 26.97 -24.63
N LEU D 79 -26.40 27.39 -24.76
CA LEU D 79 -27.41 26.61 -25.46
C LEU D 79 -27.63 27.25 -26.83
N GLU D 80 -27.37 26.49 -27.88
CA GLU D 80 -27.52 26.97 -29.25
C GLU D 80 -28.83 26.49 -29.87
N GLU D 81 -29.21 27.14 -30.98
CA GLU D 81 -30.36 26.72 -31.78
C GLU D 81 -29.87 25.72 -32.81
N GLY D 82 -29.80 24.45 -32.41
CA GLY D 82 -29.17 23.43 -33.21
C GLY D 82 -27.66 23.59 -33.28
N CYS D 83 -27.04 22.68 -34.01
CA CYS D 83 -25.60 22.69 -34.22
C CYS D 83 -25.28 23.00 -35.67
N PRO D 84 -24.04 23.39 -35.96
CA PRO D 84 -23.66 23.62 -37.36
C PRO D 84 -23.73 22.30 -38.13
N GLU D 85 -24.34 22.35 -39.32
CA GLU D 85 -24.44 21.18 -40.16
C GLU D 85 -23.06 20.58 -40.41
N GLY D 86 -22.94 19.26 -40.27
CA GLY D 86 -21.69 18.58 -40.40
C GLY D 86 -20.91 18.41 -39.11
N THR D 87 -21.22 19.17 -38.06
CA THR D 87 -20.51 19.00 -36.80
C THR D 87 -20.73 17.60 -36.27
N VAL D 88 -19.69 17.05 -35.64
CA VAL D 88 -19.80 15.78 -34.94
C VAL D 88 -20.08 16.09 -33.48
N CYS D 89 -21.27 15.75 -33.02
CA CYS D 89 -21.64 15.96 -31.62
C CYS D 89 -21.58 14.63 -30.87
N SER D 90 -21.69 14.72 -29.54
CA SER D 90 -21.82 13.56 -28.69
C SER D 90 -23.20 13.59 -28.04
N VAL D 91 -23.92 12.48 -28.09
CA VAL D 91 -25.16 12.32 -27.36
C VAL D 91 -24.81 11.67 -26.03
N LEU D 92 -25.07 12.38 -24.94
CA LEU D 92 -24.69 11.93 -23.60
C LEU D 92 -25.80 11.05 -23.03
N ILE D 93 -25.78 9.79 -23.41
CA ILE D 93 -26.85 8.88 -23.05
C ILE D 93 -26.51 8.23 -21.71
N LYS D 94 -27.40 8.39 -20.75
CA LYS D 94 -27.36 7.61 -19.52
C LYS D 94 -28.43 6.53 -19.62
N ARG D 95 -28.10 5.33 -19.19
CA ARG D 95 -29.06 4.25 -19.08
C ARG D 95 -29.47 4.09 -17.62
N ASP D 96 -30.64 3.49 -17.41
CA ASP D 96 -31.18 3.37 -16.06
C ASP D 96 -30.26 2.55 -15.16
N SER D 97 -29.42 1.69 -15.73
CA SER D 97 -28.47 0.91 -14.95
C SER D 97 -27.35 1.74 -14.35
N GLY D 98 -27.19 2.97 -14.82
CA GLY D 98 -26.06 3.80 -14.46
C GLY D 98 -25.03 3.90 -15.56
N GLU D 99 -25.08 3.00 -16.53
CA GLU D 99 -24.10 3.02 -17.60
C GLU D 99 -24.12 4.35 -18.32
N LEU D 100 -22.93 4.82 -18.69
CA LEU D 100 -22.78 5.98 -19.55
C LEU D 100 -22.45 5.50 -20.96
N LEU D 101 -23.03 6.17 -21.95
CA LEU D 101 -22.95 5.70 -23.33
C LEU D 101 -22.89 6.91 -24.24
N PRO D 102 -21.72 7.52 -24.39
CA PRO D 102 -21.60 8.65 -25.34
C PRO D 102 -21.62 8.14 -26.77
N LEU D 103 -22.51 8.68 -27.57
CA LEU D 103 -22.65 8.31 -28.98
C LEU D 103 -22.24 9.46 -29.88
N ALA D 104 -21.27 9.23 -30.76
CA ALA D 104 -20.87 10.22 -31.74
C ALA D 104 -21.88 10.27 -32.88
N VAL D 105 -22.25 11.48 -33.30
CA VAL D 105 -23.26 11.67 -34.33
C VAL D 105 -22.84 12.84 -35.22
N ARG D 106 -22.84 12.62 -36.53
CA ARG D 106 -22.57 13.67 -37.50
C ARG D 106 -23.89 14.34 -37.86
N MET D 107 -23.99 15.63 -37.57
CA MET D 107 -25.28 16.32 -37.61
C MET D 107 -25.64 16.80 -39.01
N GLY D 108 -26.89 16.59 -39.37
CA GLY D 108 -27.44 17.03 -40.64
C GLY D 108 -28.11 18.38 -40.55
N ALA D 109 -29.18 18.55 -41.33
CA ALA D 109 -29.83 19.85 -41.43
C ALA D 109 -30.95 20.01 -40.40
N ILE D 110 -31.13 21.26 -39.96
CA ILE D 110 -32.26 21.64 -39.12
C ILE D 110 -33.51 21.72 -39.97
N ALA D 111 -34.61 21.18 -39.47
CA ALA D 111 -35.84 21.09 -40.25
C ALA D 111 -37.01 20.77 -39.34
N SER D 112 -38.20 21.13 -39.81
CA SER D 112 -39.43 20.70 -39.17
C SER D 112 -39.77 19.29 -39.66
N MET D 113 -40.26 18.45 -38.76
CA MET D 113 -40.68 17.12 -39.11
C MET D 113 -41.96 16.79 -38.36
N ARG D 114 -42.68 15.80 -38.87
CA ARG D 114 -43.84 15.23 -38.18
C ARG D 114 -43.45 13.84 -37.70
N ILE D 115 -43.35 13.67 -36.37
CA ILE D 115 -42.93 12.40 -35.78
C ILE D 115 -44.08 11.87 -34.94
N GLN D 116 -44.68 10.72 -35.31
CA GLN D 116 -45.81 10.06 -34.63
C GLN D 116 -46.90 11.09 -34.36
N GLY D 117 -47.09 12.03 -35.28
CA GLY D 117 -48.16 12.97 -35.19
C GLY D 117 -47.75 14.35 -34.73
N ARG D 118 -46.63 14.45 -34.02
CA ARG D 118 -46.24 15.70 -33.38
C ARG D 118 -45.27 16.46 -34.27
N LEU D 119 -45.45 17.77 -34.31
CA LEU D 119 -44.47 18.65 -34.95
C LEU D 119 -43.21 18.72 -34.10
N VAL D 120 -42.06 18.40 -34.71
CA VAL D 120 -40.74 18.48 -34.06
C VAL D 120 -39.87 19.49 -34.83
N HIS D 121 -39.32 20.47 -34.10
CA HIS D 121 -38.27 21.34 -34.63
C HIS D 121 -36.98 20.58 -34.41
N GLY D 122 -36.48 19.95 -35.48
CA GLY D 122 -35.50 18.90 -35.37
C GLY D 122 -34.22 19.15 -36.13
N GLN D 123 -33.23 18.32 -35.82
CA GLN D 123 -32.00 18.18 -36.56
C GLN D 123 -31.70 16.70 -36.64
N SER D 124 -31.42 16.22 -37.84
CA SER D 124 -31.01 14.83 -38.02
C SER D 124 -29.51 14.68 -37.80
N GLY D 125 -29.10 13.46 -37.53
CA GLY D 125 -27.67 13.16 -37.49
C GLY D 125 -27.48 11.69 -37.71
N MET D 126 -26.31 11.35 -38.24
CA MET D 126 -25.96 9.97 -38.52
C MET D 126 -24.99 9.49 -37.44
N LEU D 127 -25.35 8.42 -36.76
CA LEU D 127 -24.47 7.84 -35.77
C LEU D 127 -23.17 7.36 -36.41
N LEU D 128 -22.06 7.64 -35.74
CA LEU D 128 -20.76 7.12 -36.13
C LEU D 128 -20.35 6.03 -35.13
N LEU D 138 -24.18 0.02 -31.58
CA LEU D 138 -24.60 0.79 -30.42
C LEU D 138 -25.60 1.85 -30.87
N GLY D 139 -26.86 1.70 -30.48
CA GLY D 139 -27.86 2.67 -30.86
C GLY D 139 -28.60 3.27 -29.67
N THR D 140 -29.64 4.02 -29.96
CA THR D 140 -30.52 4.56 -28.94
C THR D 140 -31.71 3.63 -28.75
N ILE D 141 -32.36 3.77 -27.60
CA ILE D 141 -33.46 2.87 -27.24
C ILE D 141 -34.61 3.64 -26.63
N PRO D 142 -35.78 3.03 -26.47
CA PRO D 142 -36.83 3.66 -25.66
C PRO D 142 -36.31 3.97 -24.26
N GLY D 143 -36.49 5.21 -23.86
CA GLY D 143 -36.00 5.69 -22.58
C GLY D 143 -34.86 6.66 -22.69
N ASP D 144 -34.24 6.79 -23.86
CA ASP D 144 -33.11 7.69 -24.03
C ASP D 144 -33.52 9.12 -24.35
N CYS D 145 -34.80 9.37 -24.55
CA CYS D 145 -35.20 10.69 -25.01
C CYS D 145 -34.94 11.72 -23.92
N GLY D 146 -34.53 12.91 -24.36
CA GLY D 146 -34.10 13.98 -23.49
C GLY D 146 -32.61 14.04 -23.28
N ALA D 147 -31.86 13.03 -23.71
CA ALA D 147 -30.41 13.06 -23.59
C ALA D 147 -29.83 14.18 -24.44
N PRO D 148 -28.90 14.97 -23.92
CA PRO D 148 -28.42 16.15 -24.65
C PRO D 148 -27.44 15.82 -25.76
N TYR D 149 -27.49 16.66 -26.80
CA TYR D 149 -26.51 16.66 -27.89
C TYR D 149 -25.52 17.78 -27.63
N VAL D 150 -24.24 17.44 -27.46
CA VAL D 150 -23.24 18.41 -27.03
C VAL D 150 -22.03 18.32 -27.93
N HIS D 151 -21.30 19.43 -28.05
CA HIS D 151 -20.02 19.44 -28.71
C HIS D 151 -19.15 20.50 -28.06
N LYS D 152 -17.84 20.34 -28.19
CA LYS D 152 -16.89 21.26 -27.58
C LYS D 152 -16.44 22.30 -28.59
N ARG D 153 -16.63 23.57 -28.25
CA ARG D 153 -16.16 24.70 -29.04
C ARG D 153 -15.08 25.40 -28.21
N GLY D 154 -13.83 25.23 -28.62
CA GLY D 154 -12.74 25.78 -27.81
C GLY D 154 -12.59 25.01 -26.52
N ASN D 155 -12.54 25.73 -25.39
CA ASN D 155 -12.52 25.10 -24.09
C ASN D 155 -13.90 25.04 -23.46
N ASP D 156 -14.95 25.33 -24.24
CA ASP D 156 -16.30 25.44 -23.74
C ASP D 156 -17.17 24.38 -24.37
N TRP D 157 -17.89 23.62 -23.54
CA TRP D 157 -18.91 22.71 -24.04
C TRP D 157 -20.20 23.48 -24.33
N VAL D 158 -20.87 23.08 -25.40
CA VAL D 158 -22.10 23.72 -25.87
C VAL D 158 -23.16 22.63 -26.01
N VAL D 159 -24.40 22.97 -25.67
CA VAL D 159 -25.52 22.06 -25.84
C VAL D 159 -26.41 22.60 -26.93
N CYS D 160 -26.92 21.73 -27.78
CA CYS D 160 -27.66 22.22 -28.94
C CYS D 160 -28.91 21.44 -29.29
N GLY D 161 -29.20 20.33 -28.62
CA GLY D 161 -30.44 19.60 -28.85
C GLY D 161 -30.63 18.58 -27.75
N VAL D 162 -31.85 18.04 -27.71
CA VAL D 162 -32.20 16.94 -26.80
C VAL D 162 -32.77 15.80 -27.62
N HIS D 163 -32.46 14.58 -27.21
CA HIS D 163 -32.79 13.43 -28.04
C HIS D 163 -34.29 13.23 -28.16
N ALA D 164 -34.77 13.03 -29.40
CA ALA D 164 -36.21 12.88 -29.60
C ALA D 164 -36.63 11.62 -30.37
N ALA D 165 -35.84 11.16 -31.31
CA ALA D 165 -36.29 10.03 -32.12
C ALA D 165 -35.14 9.39 -32.87
N ALA D 166 -35.45 8.26 -33.52
CA ALA D 166 -34.52 7.53 -34.35
C ALA D 166 -35.28 6.82 -35.47
N THR D 167 -34.62 6.68 -36.61
CA THR D 167 -35.22 5.95 -37.72
C THR D 167 -35.30 4.46 -37.39
N LYS D 168 -36.19 3.77 -38.10
CA LYS D 168 -36.39 2.35 -37.83
C LYS D 168 -35.08 1.58 -37.92
N SER D 169 -34.18 1.99 -38.81
CA SER D 169 -32.90 1.32 -38.91
C SER D 169 -32.03 1.59 -37.69
N GLY D 170 -32.22 2.73 -37.05
CA GLY D 170 -31.42 3.14 -35.91
C GLY D 170 -30.19 3.95 -36.26
N ASN D 171 -29.82 4.02 -37.53
CA ASN D 171 -28.60 4.71 -37.95
C ASN D 171 -28.73 6.22 -37.92
N THR D 172 -29.94 6.75 -38.02
CA THR D 172 -30.20 8.18 -38.05
C THR D 172 -31.02 8.55 -36.84
N VAL D 173 -30.57 9.60 -36.14
CA VAL D 173 -31.23 10.05 -34.92
C VAL D 173 -31.69 11.49 -35.16
N VAL D 174 -32.62 11.92 -34.34
CA VAL D 174 -33.20 13.25 -34.43
C VAL D 174 -33.22 13.84 -33.03
N CYS D 175 -32.66 15.04 -32.88
CA CYS D 175 -32.79 15.80 -31.65
C CYS D 175 -33.73 16.98 -31.90
N ALA D 176 -34.52 17.32 -30.89
CA ALA D 176 -35.30 18.55 -30.92
C ALA D 176 -34.41 19.72 -30.55
N VAL D 177 -34.65 20.86 -31.19
CA VAL D 177 -33.82 22.03 -30.98
C VAL D 177 -34.70 23.23 -30.67
N GLN D 178 -34.10 24.22 -30.02
CA GLN D 178 -34.82 25.40 -29.60
C GLN D 178 -34.91 26.39 -30.74
N ALA D 179 -36.09 26.93 -30.97
CA ALA D 179 -36.34 27.79 -32.13
C ALA D 179 -35.27 28.86 -32.33
C29 TKP E . 20.22 9.85 -9.37
C01 TKP E . 18.38 10.65 -7.88
C02 TKP E . 19.09 9.41 -8.45
C03 TKP E . 19.71 8.61 -7.31
C05 TKP E . 20.86 6.53 -7.25
C30 TKP E . 18.06 8.60 -9.22
C31 TKP E . 17.09 7.90 -8.52
C32 TKP E . 16.14 7.16 -9.19
C34 TKP E . 16.14 7.12 -10.57
C35 TKP E . 17.11 7.82 -11.28
C36 TKP E . 18.06 8.56 -10.60
O04 TKP E . 20.59 7.71 -7.92
O28 TKP E . 20.16 6.15 -6.34
CL3 TKP E . 14.92 6.29 -8.23
N06 TKP E . 22.00 5.77 -7.70
C07 TKP E . 22.22 4.46 -7.15
C15 TKP E . 22.71 4.55 -5.71
O27 TKP E . 23.42 5.46 -5.40
C08 TKP E . 23.32 3.76 -7.94
C09 TKP E . 22.91 3.33 -9.35
C10 TKP E . 21.91 2.20 -9.25
C11 TKP E . 21.59 1.62 -10.62
C12 TKP E . 22.86 1.19 -11.33
C13 TKP E . 23.91 2.28 -11.45
C14 TKP E . 24.18 2.94 -10.10
O24 TKP E . 19.09 4.59 -1.30
C20 TKP E . 19.94 5.36 -1.62
N21 TKP E . 20.13 6.72 -0.99
C22 TKP E . 21.24 7.36 -1.65
C23 TKP E . 22.00 6.25 -2.41
C19 TKP E . 20.97 5.16 -2.63
C18 TKP E . 21.61 3.78 -2.44
C17 TKP E . 22.79 3.50 -3.39
N16 TKP E . 22.33 3.50 -4.77
C25 TKP E . 23.37 2.11 -3.07
O26 TKP E . 24.56 1.92 -3.82
C29 TKP F . 43.10 -25.44 28.23
C01 TKP F . 41.16 -26.98 28.04
C02 TKP F . 41.57 -25.54 28.32
C03 TKP F . 40.98 -24.64 27.23
C05 TKP F . 40.94 -22.29 26.82
C30 TKP F . 41.08 -25.11 29.71
C31 TKP F . 39.72 -25.03 29.92
C32 TKP F . 39.21 -24.64 31.13
C34 TKP F . 40.07 -24.35 32.18
C35 TKP F . 41.44 -24.43 31.98
C36 TKP F . 41.94 -24.80 30.75
O04 TKP F . 41.66 -23.41 27.26
O28 TKP F . 39.77 -22.35 26.61
CL3 TKP F . 37.44 -24.56 31.29
N06 TKP F . 41.63 -21.03 26.63
C07 TKP F . 40.89 -19.83 26.33
C15 TKP F . 40.30 -19.96 24.93
O27 TKP F . 40.95 -20.51 24.10
C08 TKP F . 41.84 -18.64 26.38
C09 TKP F . 42.38 -18.32 27.78
C10 TKP F . 41.25 -17.91 28.70
C11 TKP F . 41.70 -17.26 30.00
C12 TKP F . 42.57 -16.06 29.70
C13 TKP F . 43.79 -16.47 28.89
C14 TKP F . 43.39 -17.18 27.60
O24 TKP F . 35.13 -22.46 23.83
C20 TKP F . 36.21 -22.68 23.41
N21 TKP F . 36.60 -23.92 22.65
C22 TKP F . 38.00 -23.87 22.32
C23 TKP F . 38.45 -22.44 22.71
C19 TKP F . 37.40 -21.85 23.61
C18 TKP F . 37.11 -20.39 23.27
C17 TKP F . 38.37 -19.54 23.33
N16 TKP F . 38.95 -19.43 24.64
C25 TKP F . 37.99 -18.15 22.86
O26 TKP F . 39.10 -17.35 22.76
C29 TKP G . -21.57 9.77 16.61
C01 TKP G . -20.08 11.67 16.00
C02 TKP G . -20.45 10.23 15.68
C03 TKP G . -21.01 10.22 14.26
C05 TKP G . -21.84 8.56 12.82
C30 TKP G . -19.23 9.31 15.79
C31 TKP G . -18.23 9.42 14.86
C32 TKP G . -17.11 8.61 14.92
C34 TKP G . -16.97 7.68 15.94
C35 TKP G . -17.97 7.57 16.89
C36 TKP G . -19.11 8.38 16.81
O04 TKP G . -21.71 9.03 14.14
O28 TKP G . -21.24 9.05 11.89
CL3 TKP G . -15.85 8.80 13.67
N06 TKP G . -22.74 7.46 12.62
C07 TKP G . -22.82 6.86 11.31
C15 TKP G . -23.37 7.90 10.35
O27 TKP G . -24.13 8.75 10.72
C08 TKP G . -23.76 5.66 11.37
C09 TKP G . -23.16 4.50 12.14
C10 TKP G . -22.04 3.84 11.33
C11 TKP G . -21.49 2.61 12.06
C12 TKP G . -22.58 1.60 12.29
C13 TKP G . -23.79 2.19 13.01
C14 TKP G . -24.26 3.50 12.43
O24 TKP G . -20.26 11.63 7.32
C20 TKP G . -21.13 11.74 8.08
N21 TKP G . -21.52 13.07 8.68
C22 TKP G . -22.63 12.84 9.56
C23 TKP G . -23.15 11.41 9.28
C19 TKP G . -22.00 10.69 8.62
C18 TKP G . -22.42 9.76 7.49
C17 TKP G . -23.46 8.78 7.97
N16 TKP G . -22.96 7.83 8.94
C25 TKP G . -23.92 7.92 6.78
O26 TKP G . -24.96 7.07 7.21
C29 TKP H . -41.75 6.35 -36.12
C01 TKP H . -39.63 5.49 -37.05
C02 TKP H . -40.25 6.59 -36.20
C03 TKP H . -39.62 6.48 -34.80
C05 TKP H . -39.85 7.70 -32.80
C30 TKP H . -39.98 7.94 -36.86
C31 TKP H . -38.68 8.40 -36.90
C32 TKP H . -38.39 9.60 -37.49
C34 TKP H . -39.39 10.37 -38.08
C35 TKP H . -40.70 9.91 -38.04
C36 TKP H . -40.99 8.70 -37.44
O04 TKP H . -40.48 7.09 -33.88
O28 TKP H . -38.67 7.69 -32.66
CL3 TKP H . -36.68 10.13 -37.50
N06 TKP H . -40.71 8.32 -31.83
C07 TKP H . -40.10 8.98 -30.72
C15 TKP H . -39.36 7.98 -29.82
O27 TKP H . -39.68 6.84 -29.80
C08 TKP H . -41.17 9.59 -29.83
C09 TKP H . -41.98 10.69 -30.51
C10 TKP H . -41.11 11.93 -30.65
C11 TKP H . -41.85 13.18 -31.12
C12 TKP H . -43.03 13.47 -30.22
C13 TKP H . -43.95 12.26 -30.05
C14 TKP H . -43.22 10.97 -29.66
O24 TKP H . -33.94 6.68 -30.34
C20 TKP H . -34.89 5.97 -30.22
N21 TKP H . -34.91 4.50 -30.59
C22 TKP H . -36.22 3.97 -30.33
C23 TKP H . -36.93 5.05 -29.47
C19 TKP H . -36.22 6.36 -29.76
C18 TKP H . -36.17 7.32 -28.57
C17 TKP H . -37.57 7.59 -28.04
N16 TKP H . -38.31 8.47 -28.95
C25 TKP H . -37.52 8.41 -26.74
O26 TKP H . -38.84 8.59 -26.26
#